data_1O27
#
_entry.id   1O27
#
_cell.length_a   54.349
_cell.length_b   116.428
_cell.length_c   140.557
_cell.angle_alpha   90.00
_cell.angle_beta   90.00
_cell.angle_gamma   90.00
#
_symmetry.space_group_name_H-M   'P 21 21 21'
#
loop_
_entity.id
_entity.type
_entity.pdbx_description
1 polymer 'Thymidylate synthase thyX'
2 non-polymer "5-BROMO-2'-DEOXYURIDINE-5'-MONOPHOSPHATE"
3 non-polymer 'FLAVIN-ADENINE DINUCLEOTIDE'
4 water water
#
_entity_poly.entity_id   1
_entity_poly.type   'polypeptide(L)'
_entity_poly.pdbx_seq_one_letter_code
;MGSDKIHHHHHHMKIDILDKGFVELVDVMGNDLSAVRAARVSFDMGLKDEERDRHLIEYLMKHGHETPFEHIVFTFHVKA
PIFVARQWFRHRIASYNELSGRYSKLSYEFYIPSPERLEGYKTTIPPERVTEKISEIVDKAYRTYLELIESGVPREVARI
VLPLNLYTRFFWTVNARSLMNFLNLRADSHAQWEIQQYALAIARIFKEKCPWTFEAFLKYAYKGDILKEVQV
;
_entity_poly.pdbx_strand_id   A,B,C,D
#
# COMPACT_ATOMS: atom_id res chain seq x y z
N HIS A 12 13.80 20.18 12.99
CA HIS A 12 13.26 21.52 13.36
C HIS A 12 13.26 22.49 12.19
N MET A 13 12.13 22.61 11.51
CA MET A 13 12.01 23.52 10.38
C MET A 13 10.57 23.97 10.22
N LYS A 14 10.39 25.23 9.86
CA LYS A 14 9.05 25.79 9.69
C LYS A 14 9.04 26.79 8.55
N ILE A 15 8.14 26.58 7.60
CA ILE A 15 8.01 27.46 6.46
C ILE A 15 6.55 27.92 6.37
N ASP A 16 6.35 29.23 6.30
CA ASP A 16 4.99 29.76 6.23
C ASP A 16 4.51 29.76 4.78
N ILE A 17 3.29 29.28 4.57
CA ILE A 17 2.70 29.21 3.24
C ILE A 17 1.38 29.95 3.24
N LEU A 18 1.08 30.62 2.13
CA LEU A 18 -0.15 31.38 1.99
C LEU A 18 -0.23 32.38 3.12
N ASP A 19 -1.44 32.81 3.46
CA ASP A 19 -1.62 33.80 4.50
C ASP A 19 -1.53 33.29 5.94
N LYS A 20 -1.96 32.05 6.20
CA LYS A 20 -1.91 31.53 7.57
C LYS A 20 -1.43 30.08 7.66
N GLY A 21 -1.04 29.51 6.53
CA GLY A 21 -0.60 28.13 6.51
C GLY A 21 0.85 27.94 6.88
N PHE A 22 1.31 26.70 6.81
CA PHE A 22 2.70 26.38 7.10
C PHE A 22 3.01 24.90 6.99
N VAL A 23 4.29 24.64 6.80
CA VAL A 23 4.82 23.30 6.71
C VAL A 23 5.92 23.28 7.78
N GLU A 24 5.79 22.37 8.73
CA GLU A 24 6.78 22.26 9.79
C GLU A 24 7.32 20.86 9.92
N LEU A 25 8.65 20.73 9.85
CA LEU A 25 9.29 19.43 9.99
C LEU A 25 9.32 19.04 11.46
N VAL A 26 8.67 17.93 11.78
CA VAL A 26 8.60 17.45 13.16
C VAL A 26 9.71 16.45 13.47
N ASP A 27 9.91 15.49 12.59
CA ASP A 27 10.94 14.48 12.80
C ASP A 27 11.46 13.95 11.48
N VAL A 28 12.52 13.15 11.57
CA VAL A 28 13.15 12.55 10.41
C VAL A 28 13.91 11.31 10.85
N MET A 29 13.91 10.28 10.01
CA MET A 29 14.67 9.08 10.31
C MET A 29 15.59 8.87 9.13
N GLY A 30 16.89 8.79 9.41
CA GLY A 30 17.86 8.58 8.38
C GLY A 30 18.27 9.83 7.64
N ASN A 31 19.15 9.64 6.66
CA ASN A 31 19.68 10.71 5.84
C ASN A 31 20.12 10.02 4.56
N ASP A 32 20.86 10.72 3.71
CA ASP A 32 21.34 10.15 2.45
C ASP A 32 22.00 8.78 2.60
N LEU A 33 22.78 8.61 3.66
CA LEU A 33 23.50 7.36 3.90
C LEU A 33 22.58 6.18 4.22
N SER A 34 21.35 6.48 4.66
CA SER A 34 20.38 5.44 4.98
C SER A 34 20.05 4.69 3.70
N ALA A 35 19.97 5.41 2.59
CA ALA A 35 19.68 4.81 1.29
C ALA A 35 20.92 4.07 0.80
N VAL A 36 22.09 4.67 1.03
CA VAL A 36 23.35 4.03 0.64
C VAL A 36 23.45 2.67 1.34
N ARG A 37 23.27 2.66 2.66
CA ARG A 37 23.31 1.42 3.43
C ARG A 37 22.37 0.37 2.84
N ALA A 38 21.09 0.72 2.76
CA ALA A 38 20.08 -0.19 2.25
C ALA A 38 20.48 -0.78 0.91
N ALA A 39 20.94 0.08 0.00
CA ALA A 39 21.36 -0.36 -1.33
C ALA A 39 22.58 -1.28 -1.33
N ARG A 40 23.62 -0.90 -0.60
CA ARG A 40 24.86 -1.70 -0.53
C ARG A 40 24.62 -3.17 -0.18
N VAL A 41 23.72 -3.41 0.77
CA VAL A 41 23.44 -4.77 1.22
C VAL A 41 23.21 -5.75 0.08
N SER A 42 22.74 -5.26 -1.06
CA SER A 42 22.48 -6.13 -2.21
C SER A 42 23.80 -6.76 -2.71
N PHE A 43 24.92 -6.07 -2.47
CA PHE A 43 26.22 -6.59 -2.87
C PHE A 43 27.02 -7.10 -1.66
N ASP A 44 26.33 -7.26 -0.54
CA ASP A 44 26.93 -7.74 0.70
C ASP A 44 27.90 -6.72 1.30
N MET A 45 27.79 -5.47 0.83
CA MET A 45 28.68 -4.40 1.29
C MET A 45 27.99 -3.43 2.24
N GLY A 46 28.75 -2.43 2.67
CA GLY A 46 28.22 -1.42 3.57
C GLY A 46 28.58 -0.04 3.06
N LEU A 47 28.80 0.90 3.98
CA LEU A 47 29.17 2.26 3.59
C LEU A 47 30.63 2.31 3.13
N LYS A 48 31.01 3.44 2.53
CA LYS A 48 32.37 3.66 2.05
C LYS A 48 32.71 5.16 2.12
N ASP A 49 33.51 5.66 1.19
CA ASP A 49 33.84 7.08 1.21
C ASP A 49 32.69 7.92 0.68
N GLU A 50 32.81 9.24 0.84
CA GLU A 50 31.78 10.15 0.39
C GLU A 50 31.65 10.16 -1.12
N GLU A 51 32.79 10.17 -1.81
CA GLU A 51 32.78 10.18 -3.25
C GLU A 51 32.07 8.97 -3.81
N ARG A 52 32.35 7.80 -3.23
CA ARG A 52 31.74 6.56 -3.66
C ARG A 52 30.27 6.46 -3.30
N ASP A 53 29.95 6.79 -2.04
CA ASP A 53 28.57 6.72 -1.60
C ASP A 53 27.68 7.70 -2.33
N ARG A 54 28.17 8.93 -2.53
CA ARG A 54 27.39 9.92 -3.23
C ARG A 54 27.21 9.52 -4.69
N HIS A 55 28.18 8.76 -5.21
CA HIS A 55 28.12 8.30 -6.59
C HIS A 55 27.03 7.24 -6.74
N LEU A 56 26.85 6.44 -5.70
CA LEU A 56 25.83 5.39 -5.72
C LEU A 56 24.43 5.98 -5.74
N ILE A 57 24.21 7.02 -4.94
CA ILE A 57 22.91 7.68 -4.85
C ILE A 57 22.45 8.16 -6.21
N GLU A 58 23.32 8.84 -6.94
CA GLU A 58 22.98 9.32 -8.27
C GLU A 58 22.81 8.13 -9.20
N TYR A 59 23.63 7.10 -8.98
CA TYR A 59 23.53 5.89 -9.77
C TYR A 59 22.13 5.31 -9.62
N LEU A 60 21.68 5.20 -8.37
CA LEU A 60 20.36 4.67 -8.05
C LEU A 60 19.25 5.50 -8.69
N MET A 61 19.38 6.81 -8.56
CA MET A 61 18.41 7.75 -9.11
C MET A 61 18.38 7.57 -10.63
N LYS A 62 19.55 7.58 -11.25
CA LYS A 62 19.67 7.42 -12.70
C LYS A 62 18.98 6.17 -13.24
N HIS A 63 19.35 5.01 -12.72
CA HIS A 63 18.80 3.73 -13.16
C HIS A 63 17.38 3.44 -12.65
N GLY A 64 16.86 4.31 -11.81
CA GLY A 64 15.52 4.10 -11.30
C GLY A 64 15.37 3.14 -10.11
N HIS A 65 16.44 2.90 -9.36
CA HIS A 65 16.36 2.03 -8.19
C HIS A 65 15.92 2.96 -7.05
N GLU A 66 14.62 2.95 -6.73
CA GLU A 66 14.08 3.84 -5.72
C GLU A 66 13.77 3.23 -4.36
N THR A 67 13.70 1.91 -4.28
CA THR A 67 13.41 1.27 -3.00
C THR A 67 14.30 1.72 -1.85
N PRO A 68 15.63 1.88 -2.09
CA PRO A 68 16.54 2.32 -1.02
C PRO A 68 16.15 3.64 -0.34
N PHE A 69 15.56 4.54 -1.11
CA PHE A 69 15.14 5.83 -0.59
C PHE A 69 13.91 5.74 0.33
N GLU A 70 13.27 4.57 0.35
CA GLU A 70 12.10 4.36 1.19
C GLU A 70 12.53 4.28 2.67
N HIS A 71 13.81 4.03 2.89
CA HIS A 71 14.31 3.94 4.27
C HIS A 71 14.57 5.30 4.92
N ILE A 72 14.22 6.37 4.21
CA ILE A 72 14.36 7.73 4.72
C ILE A 72 12.92 8.17 4.96
N VAL A 73 12.59 8.50 6.20
CA VAL A 73 11.21 8.90 6.52
C VAL A 73 11.10 10.27 7.16
N PHE A 74 10.06 11.01 6.78
CA PHE A 74 9.82 12.34 7.31
C PHE A 74 8.46 12.45 7.96
N THR A 75 8.39 13.26 9.00
CA THR A 75 7.13 13.51 9.67
C THR A 75 6.92 15.04 9.62
N PHE A 76 5.86 15.45 8.93
CA PHE A 76 5.53 16.87 8.79
C PHE A 76 4.27 17.23 9.57
N HIS A 77 4.17 18.51 9.92
CA HIS A 77 3.01 19.05 10.63
C HIS A 77 2.56 20.16 9.69
N VAL A 78 1.41 19.97 9.06
CA VAL A 78 0.92 20.94 8.09
C VAL A 78 -0.38 21.65 8.41
N LYS A 79 -0.41 22.93 8.09
CA LYS A 79 -1.61 23.74 8.27
C LYS A 79 -1.94 24.27 6.88
N ALA A 80 -3.07 23.82 6.33
CA ALA A 80 -3.48 24.22 5.00
C ALA A 80 -4.99 24.22 4.82
N PRO A 81 -5.49 24.92 3.80
CA PRO A 81 -6.94 24.93 3.57
C PRO A 81 -7.39 23.54 3.13
N ILE A 82 -8.65 23.22 3.41
CA ILE A 82 -9.17 21.91 3.04
C ILE A 82 -9.05 21.57 1.55
N PHE A 83 -9.29 22.52 0.64
CA PHE A 83 -9.17 22.17 -0.78
C PHE A 83 -7.74 21.75 -1.13
N VAL A 84 -6.75 22.26 -0.41
CA VAL A 84 -5.37 21.85 -0.64
C VAL A 84 -5.16 20.46 -0.03
N ALA A 85 -5.65 20.27 1.20
CA ALA A 85 -5.52 19.01 1.91
C ALA A 85 -6.14 17.85 1.16
N ARG A 86 -7.28 18.11 0.53
CA ARG A 86 -8.00 17.09 -0.24
C ARG A 86 -7.12 16.53 -1.33
N GLN A 87 -6.45 17.42 -2.05
CA GLN A 87 -5.55 16.99 -3.11
C GLN A 87 -4.38 16.25 -2.49
N TRP A 88 -3.87 16.78 -1.38
CA TRP A 88 -2.75 16.18 -0.68
C TRP A 88 -3.03 14.74 -0.20
N PHE A 89 -4.16 14.54 0.47
CA PHE A 89 -4.50 13.21 0.98
C PHE A 89 -4.74 12.15 -0.08
N ARG A 90 -4.67 12.54 -1.35
CA ARG A 90 -4.84 11.60 -2.45
C ARG A 90 -3.58 10.74 -2.56
N HIS A 91 -2.50 11.17 -1.92
CA HIS A 91 -1.25 10.41 -1.95
C HIS A 91 -1.40 9.34 -0.89
N ARG A 92 -1.71 8.14 -1.34
CA ARG A 92 -1.96 7.00 -0.48
C ARG A 92 -0.78 6.37 0.23
N ILE A 93 0.40 6.41 -0.39
CA ILE A 93 1.57 5.81 0.25
C ILE A 93 2.15 6.78 1.26
N ALA A 94 1.44 6.92 2.37
CA ALA A 94 1.81 7.82 3.46
C ALA A 94 0.82 7.62 4.61
N SER A 95 1.08 8.30 5.73
CA SER A 95 0.23 8.21 6.91
C SER A 95 -0.26 9.60 7.30
N TYR A 96 -1.52 9.70 7.72
CA TYR A 96 -2.08 10.99 8.10
C TYR A 96 -2.90 10.97 9.38
N ASN A 97 -2.92 12.13 10.04
CA ASN A 97 -3.72 12.34 11.22
C ASN A 97 -4.10 13.82 11.16
N GLU A 98 -5.39 14.07 11.06
CA GLU A 98 -5.88 15.43 10.91
C GLU A 98 -6.94 15.89 11.90
N LEU A 99 -7.01 17.22 12.02
CA LEU A 99 -7.96 17.92 12.88
C LEU A 99 -9.36 17.43 12.50
N SER A 100 -10.19 17.12 13.49
CA SER A 100 -11.54 16.64 13.25
C SER A 100 -12.64 17.70 13.39
N GLY A 101 -13.41 17.90 12.33
CA GLY A 101 -14.49 18.87 12.37
C GLY A 101 -15.68 18.25 13.08
N ARG A 102 -15.62 16.93 13.30
CA ARG A 102 -16.69 16.24 14.00
C ARG A 102 -16.52 16.37 15.50
N TYR A 103 -15.26 16.40 15.95
CA TYR A 103 -14.97 16.46 17.38
C TYR A 103 -14.64 17.81 18.00
N SER A 104 -13.92 18.66 17.27
CA SER A 104 -13.54 19.94 17.83
C SER A 104 -14.19 21.16 17.18
N LYS A 105 -14.29 22.23 17.97
CA LYS A 105 -14.85 23.49 17.50
C LYS A 105 -13.79 24.13 16.60
N LEU A 106 -14.14 24.40 15.36
CA LEU A 106 -13.20 24.98 14.40
C LEU A 106 -12.97 26.48 14.59
N SER A 107 -11.71 26.89 14.40
CA SER A 107 -11.33 28.30 14.55
C SER A 107 -11.62 29.13 13.30
N TYR A 108 -11.73 30.44 13.50
CA TYR A 108 -11.99 31.37 12.42
C TYR A 108 -10.68 31.62 11.67
N GLU A 109 -10.34 30.69 10.78
CA GLU A 109 -9.12 30.79 10.00
C GLU A 109 -9.39 30.25 8.60
N PHE A 110 -9.38 31.14 7.62
CA PHE A 110 -9.64 30.75 6.25
C PHE A 110 -8.57 31.36 5.34
N TYR A 111 -8.31 30.69 4.23
CA TYR A 111 -7.35 31.19 3.28
C TYR A 111 -8.01 32.25 2.41
N ILE A 112 -7.57 33.48 2.55
CA ILE A 112 -8.11 34.57 1.74
C ILE A 112 -7.04 34.89 0.70
N PRO A 113 -7.34 34.63 -0.58
CA PRO A 113 -6.38 34.91 -1.65
C PRO A 113 -6.06 36.40 -1.71
N SER A 114 -4.79 36.72 -1.96
CA SER A 114 -4.39 38.12 -2.08
C SER A 114 -4.74 38.54 -3.50
N PRO A 115 -4.84 39.84 -3.76
CA PRO A 115 -5.17 40.31 -5.10
C PRO A 115 -4.22 39.80 -6.18
N GLU A 116 -2.95 39.63 -5.83
CA GLU A 116 -1.94 39.15 -6.78
C GLU A 116 -2.21 37.73 -7.30
N ARG A 117 -3.02 36.98 -6.58
CA ARG A 117 -3.34 35.61 -7.01
C ARG A 117 -4.07 35.65 -8.35
N LEU A 118 -4.66 36.80 -8.66
CA LEU A 118 -5.40 36.96 -9.91
C LEU A 118 -4.55 37.57 -11.03
N GLU A 119 -3.28 37.84 -10.73
CA GLU A 119 -2.37 38.42 -11.72
C GLU A 119 -2.36 37.60 -13.00
N GLY A 120 -2.53 38.29 -14.12
CA GLY A 120 -2.56 37.59 -15.40
C GLY A 120 -3.99 37.48 -15.87
N TYR A 121 -4.90 37.26 -14.95
CA TYR A 121 -6.31 37.13 -15.30
C TYR A 121 -6.95 38.51 -15.27
N LYS A 122 -7.60 38.88 -16.37
CA LYS A 122 -8.28 40.16 -16.42
C LYS A 122 -9.70 39.88 -15.93
N THR A 123 -10.09 40.58 -14.87
CA THR A 123 -11.40 40.37 -14.28
C THR A 123 -12.34 41.58 -14.36
N THR A 124 -13.64 41.30 -14.37
CA THR A 124 -14.68 42.32 -14.43
C THR A 124 -14.52 43.27 -13.27
N ILE A 125 -14.51 42.72 -12.06
CA ILE A 125 -14.34 43.52 -10.86
C ILE A 125 -12.88 43.47 -10.44
N PRO A 126 -12.38 44.55 -9.85
CA PRO A 126 -10.98 44.60 -9.42
C PRO A 126 -10.62 43.41 -8.52
N PRO A 127 -9.36 42.97 -8.54
CA PRO A 127 -8.93 41.85 -7.71
C PRO A 127 -9.29 42.07 -6.23
N GLU A 128 -8.95 43.24 -5.72
CA GLU A 128 -9.24 43.57 -4.32
C GLU A 128 -10.67 43.18 -3.98
N ARG A 129 -11.60 43.49 -4.89
CA ARG A 129 -13.01 43.18 -4.69
C ARG A 129 -13.23 41.67 -4.59
N VAL A 130 -12.53 40.91 -5.43
CA VAL A 130 -12.66 39.46 -5.40
C VAL A 130 -12.25 39.00 -4.00
N THR A 131 -11.17 39.58 -3.51
CA THR A 131 -10.66 39.28 -2.19
C THR A 131 -11.74 39.64 -1.16
N GLU A 132 -12.32 40.83 -1.30
CA GLU A 132 -13.36 41.32 -0.40
C GLU A 132 -14.56 40.36 -0.37
N LYS A 133 -15.04 39.98 -1.55
CA LYS A 133 -16.19 39.10 -1.65
C LYS A 133 -15.96 37.72 -1.03
N ILE A 134 -14.73 37.23 -1.15
CA ILE A 134 -14.38 35.93 -0.59
C ILE A 134 -14.43 35.99 0.93
N SER A 135 -13.91 37.06 1.50
CA SER A 135 -13.89 37.24 2.96
C SER A 135 -15.28 37.34 3.53
N GLU A 136 -16.17 37.97 2.77
CA GLU A 136 -17.56 38.15 3.20
C GLU A 136 -18.29 36.82 3.32
N ILE A 137 -18.25 36.06 2.22
CA ILE A 137 -18.93 34.78 2.19
C ILE A 137 -18.38 33.91 3.32
N VAL A 138 -17.07 33.93 3.50
CA VAL A 138 -16.41 33.15 4.54
C VAL A 138 -16.90 33.57 5.93
N ASP A 139 -17.01 34.88 6.14
CA ASP A 139 -17.48 35.43 7.39
C ASP A 139 -18.91 35.00 7.71
N LYS A 140 -19.77 35.06 6.70
CA LYS A 140 -21.17 34.68 6.90
C LYS A 140 -21.26 33.21 7.22
N ALA A 141 -20.59 32.39 6.42
CA ALA A 141 -20.59 30.95 6.64
C ALA A 141 -20.13 30.63 8.05
N TYR A 142 -19.04 31.25 8.48
CA TYR A 142 -18.54 30.97 9.82
C TYR A 142 -19.54 31.39 10.90
N ARG A 143 -20.19 32.53 10.70
CA ARG A 143 -21.17 33.00 11.68
C ARG A 143 -22.34 32.01 11.76
N THR A 144 -22.77 31.50 10.62
CA THR A 144 -23.86 30.54 10.59
C THR A 144 -23.40 29.30 11.36
N TYR A 145 -22.15 28.90 11.12
CA TYR A 145 -21.57 27.75 11.81
C TYR A 145 -21.63 27.95 13.32
N LEU A 146 -21.03 29.05 13.80
CA LEU A 146 -21.03 29.36 15.23
C LEU A 146 -22.45 29.41 15.77
N GLU A 147 -23.36 29.94 14.96
CA GLU A 147 -24.75 30.06 15.37
C GLU A 147 -25.37 28.68 15.61
N LEU A 148 -25.14 27.74 14.69
CA LEU A 148 -25.69 26.40 14.83
C LEU A 148 -25.06 25.65 16.00
N ILE A 149 -23.74 25.79 16.17
CA ILE A 149 -23.04 25.12 17.25
C ILE A 149 -23.61 25.56 18.60
N GLU A 150 -23.79 26.88 18.75
CA GLU A 150 -24.29 27.45 19.99
C GLU A 150 -25.77 27.17 20.25
N SER A 151 -26.48 26.68 19.24
CA SER A 151 -27.89 26.38 19.42
C SER A 151 -28.09 24.88 19.64
N GLY A 152 -27.00 24.17 19.85
CA GLY A 152 -27.07 22.73 20.09
C GLY A 152 -26.88 21.80 18.90
N VAL A 153 -26.72 22.35 17.70
CA VAL A 153 -26.52 21.50 16.53
C VAL A 153 -25.19 20.74 16.60
N PRO A 154 -25.22 19.42 16.37
CA PRO A 154 -23.99 18.61 16.41
C PRO A 154 -22.91 19.22 15.52
N ARG A 155 -21.67 19.22 16.00
CA ARG A 155 -20.54 19.78 15.26
C ARG A 155 -20.35 19.16 13.88
N GLU A 156 -20.55 17.85 13.77
CA GLU A 156 -20.36 17.17 12.49
C GLU A 156 -21.35 17.68 11.45
N VAL A 157 -22.47 18.22 11.91
CA VAL A 157 -23.49 18.76 11.02
C VAL A 157 -23.28 20.23 10.74
N ALA A 158 -23.01 21.00 11.78
CA ALA A 158 -22.84 22.45 11.64
C ALA A 158 -21.68 22.83 10.70
N ARG A 159 -20.61 22.04 10.71
CA ARG A 159 -19.46 22.37 9.87
C ARG A 159 -19.67 22.21 8.36
N ILE A 160 -20.77 21.58 7.97
CA ILE A 160 -21.01 21.36 6.55
C ILE A 160 -21.28 22.65 5.76
N VAL A 161 -21.39 23.76 6.48
CA VAL A 161 -21.64 25.05 5.83
C VAL A 161 -20.31 25.78 5.63
N LEU A 162 -19.27 25.29 6.30
CA LEU A 162 -17.96 25.92 6.18
C LEU A 162 -17.40 25.69 4.77
N PRO A 163 -16.79 26.73 4.18
CA PRO A 163 -16.21 26.68 2.84
C PRO A 163 -14.89 25.90 2.78
N LEU A 164 -14.52 25.52 1.56
CA LEU A 164 -13.31 24.76 1.29
C LEU A 164 -11.99 25.44 1.60
N ASN A 165 -12.02 26.75 1.84
CA ASN A 165 -10.79 27.45 2.15
C ASN A 165 -10.56 27.52 3.66
N LEU A 166 -11.32 26.73 4.40
CA LEU A 166 -11.17 26.64 5.85
C LEU A 166 -9.83 25.94 6.07
N TYR A 167 -9.04 26.43 7.03
CA TYR A 167 -7.74 25.84 7.34
C TYR A 167 -7.88 24.62 8.25
N THR A 168 -7.11 23.59 7.95
CA THR A 168 -7.11 22.38 8.77
C THR A 168 -5.67 22.07 9.10
N ARG A 169 -5.44 21.13 10.02
CA ARG A 169 -4.09 20.75 10.41
C ARG A 169 -3.93 19.24 10.43
N PHE A 170 -2.76 18.77 10.05
CA PHE A 170 -2.53 17.33 10.02
C PHE A 170 -1.06 16.96 10.14
N PHE A 171 -0.81 15.71 10.50
CA PHE A 171 0.54 15.21 10.59
C PHE A 171 0.71 14.35 9.35
N TRP A 172 1.90 14.34 8.81
CA TRP A 172 2.16 13.57 7.59
C TRP A 172 3.50 12.85 7.69
N THR A 173 3.46 11.53 7.65
CA THR A 173 4.68 10.75 7.69
C THR A 173 4.71 10.05 6.33
N VAL A 174 5.79 10.30 5.60
CA VAL A 174 5.97 9.78 4.26
C VAL A 174 7.46 9.51 4.06
N ASN A 175 7.80 8.49 3.30
CA ASN A 175 9.22 8.21 3.07
C ASN A 175 9.70 8.98 1.82
N ALA A 176 11.02 9.05 1.65
CA ALA A 176 11.64 9.77 0.53
C ALA A 176 11.14 9.43 -0.86
N ARG A 177 10.90 8.15 -1.12
CA ARG A 177 10.42 7.75 -2.44
C ARG A 177 9.04 8.33 -2.72
N SER A 178 8.10 8.12 -1.80
CA SER A 178 6.75 8.64 -1.97
C SER A 178 6.79 10.16 -2.04
N LEU A 179 7.69 10.76 -1.26
CA LEU A 179 7.85 12.21 -1.22
C LEU A 179 8.27 12.75 -2.59
N MET A 180 9.18 12.03 -3.26
CA MET A 180 9.62 12.47 -4.56
C MET A 180 8.48 12.37 -5.55
N ASN A 181 7.65 11.34 -5.40
CA ASN A 181 6.51 11.20 -6.30
C ASN A 181 5.61 12.41 -6.06
N PHE A 182 5.51 12.83 -4.79
CA PHE A 182 4.70 13.98 -4.41
C PHE A 182 5.21 15.26 -5.10
N LEU A 183 6.51 15.45 -5.11
CA LEU A 183 7.12 16.62 -5.74
C LEU A 183 6.96 16.62 -7.27
N ASN A 184 7.06 15.44 -7.88
CA ASN A 184 6.88 15.33 -9.33
C ASN A 184 5.50 15.84 -9.73
N LEU A 185 4.49 15.46 -8.96
CA LEU A 185 3.11 15.83 -9.21
C LEU A 185 2.67 17.18 -8.66
N ARG A 186 3.14 17.54 -7.47
CA ARG A 186 2.74 18.80 -6.83
C ARG A 186 3.73 19.96 -6.99
N ALA A 187 4.99 19.65 -7.25
CA ALA A 187 5.96 20.71 -7.49
C ALA A 187 5.95 20.84 -9.01
N ASP A 188 4.81 21.27 -9.54
CA ASP A 188 4.64 21.39 -10.99
C ASP A 188 3.57 22.44 -11.35
N SER A 189 3.79 23.16 -12.44
CA SER A 189 2.85 24.19 -12.88
C SER A 189 1.45 23.68 -13.24
N HIS A 190 1.33 22.39 -13.50
CA HIS A 190 0.02 21.81 -13.84
C HIS A 190 -0.85 21.64 -12.59
N ALA A 191 -0.23 21.67 -11.42
CA ALA A 191 -0.97 21.54 -10.17
C ALA A 191 -1.42 22.93 -9.74
N GLN A 192 -2.45 23.00 -8.91
CA GLN A 192 -2.95 24.29 -8.45
C GLN A 192 -1.88 25.08 -7.71
N TRP A 193 -1.77 26.37 -8.01
CA TRP A 193 -0.77 27.23 -7.40
C TRP A 193 -0.63 27.05 -5.90
N GLU A 194 -1.76 26.94 -5.19
CA GLU A 194 -1.73 26.77 -3.75
C GLU A 194 -0.96 25.51 -3.31
N ILE A 195 -1.24 24.37 -3.93
CA ILE A 195 -0.55 23.13 -3.57
C ILE A 195 0.92 23.23 -3.97
N GLN A 196 1.21 23.93 -5.05
CA GLN A 196 2.58 24.12 -5.52
C GLN A 196 3.42 24.76 -4.42
N GLN A 197 2.86 25.80 -3.79
CA GLN A 197 3.56 26.53 -2.73
C GLN A 197 3.94 25.62 -1.58
N TYR A 198 3.04 24.70 -1.23
CA TYR A 198 3.31 23.76 -0.17
C TYR A 198 4.38 22.77 -0.64
N ALA A 199 4.35 22.41 -1.92
CA ALA A 199 5.34 21.48 -2.45
C ALA A 199 6.73 22.09 -2.44
N LEU A 200 6.81 23.40 -2.65
CA LEU A 200 8.11 24.06 -2.63
C LEU A 200 8.68 24.00 -1.22
N ALA A 201 7.82 24.19 -0.23
CA ALA A 201 8.25 24.13 1.16
C ALA A 201 8.70 22.70 1.50
N ILE A 202 7.98 21.71 0.99
CA ILE A 202 8.32 20.31 1.23
C ILE A 202 9.69 20.02 0.58
N ALA A 203 9.87 20.46 -0.66
CA ALA A 203 11.13 20.25 -1.37
C ALA A 203 12.29 20.93 -0.63
N ARG A 204 12.04 22.12 -0.11
CA ARG A 204 13.06 22.88 0.62
C ARG A 204 13.60 22.08 1.79
N ILE A 205 12.69 21.50 2.56
CA ILE A 205 13.05 20.72 3.73
C ILE A 205 13.75 19.41 3.30
N PHE A 206 13.25 18.81 2.22
CA PHE A 206 13.84 17.58 1.70
C PHE A 206 15.30 17.89 1.32
N LYS A 207 15.50 19.06 0.72
CA LYS A 207 16.84 19.49 0.32
C LYS A 207 17.76 19.63 1.53
N GLU A 208 17.27 20.28 2.58
CA GLU A 208 18.04 20.47 3.80
C GLU A 208 18.47 19.17 4.48
N LYS A 209 17.58 18.18 4.51
CA LYS A 209 17.85 16.92 5.18
C LYS A 209 18.55 15.83 4.37
N CYS A 210 18.38 15.83 3.06
CA CYS A 210 19.00 14.82 2.21
C CYS A 210 19.50 15.49 0.95
N PRO A 211 20.57 16.29 1.09
CA PRO A 211 21.21 17.04 0.01
C PRO A 211 21.51 16.21 -1.23
N TRP A 212 22.24 15.11 -1.04
CA TRP A 212 22.63 14.24 -2.16
C TRP A 212 21.44 13.67 -2.92
N THR A 213 20.48 13.15 -2.17
CA THR A 213 19.30 12.56 -2.77
C THR A 213 18.53 13.62 -3.53
N PHE A 214 18.34 14.78 -2.91
CA PHE A 214 17.61 15.87 -3.56
C PHE A 214 18.26 16.25 -4.89
N GLU A 215 19.54 16.64 -4.82
CA GLU A 215 20.27 17.04 -6.02
C GLU A 215 20.18 15.98 -7.10
N ALA A 216 20.44 14.73 -6.74
CA ALA A 216 20.36 13.64 -7.69
C ALA A 216 18.94 13.58 -8.26
N PHE A 217 17.95 13.76 -7.38
CA PHE A 217 16.54 13.76 -7.78
C PHE A 217 16.27 14.82 -8.84
N LEU A 218 16.69 16.06 -8.56
CA LEU A 218 16.49 17.16 -9.48
C LEU A 218 17.18 16.97 -10.82
N LYS A 219 18.34 16.32 -10.80
CA LYS A 219 19.10 16.12 -12.02
C LYS A 219 18.72 14.92 -12.89
N TYR A 220 18.24 13.84 -12.29
CA TYR A 220 17.93 12.67 -13.10
C TYR A 220 16.53 12.08 -13.03
N ALA A 221 15.70 12.52 -12.08
CA ALA A 221 14.36 11.95 -11.95
C ALA A 221 13.20 12.94 -11.90
N TYR A 222 13.40 14.05 -11.22
CA TYR A 222 12.34 15.05 -11.09
C TYR A 222 11.72 15.33 -12.45
N LYS A 223 10.41 15.13 -12.54
CA LYS A 223 9.67 15.33 -13.78
C LYS A 223 8.89 16.65 -13.85
N GLY A 224 8.86 17.38 -12.73
CA GLY A 224 8.15 18.65 -12.70
C GLY A 224 8.88 19.78 -13.39
N ASP A 225 8.33 20.99 -13.30
CA ASP A 225 8.94 22.13 -13.96
C ASP A 225 9.29 23.33 -13.07
N ILE A 226 8.71 23.44 -11.88
CA ILE A 226 9.00 24.59 -11.04
C ILE A 226 10.25 24.51 -10.16
N LEU A 227 10.72 23.30 -9.85
CA LEU A 227 11.89 23.16 -9.01
C LEU A 227 13.18 23.55 -9.75
N MET B 13 21.68 -2.34 19.40
CA MET B 13 20.76 -3.46 19.78
C MET B 13 20.75 -4.57 18.74
N LYS B 14 21.40 -5.69 19.06
CA LYS B 14 21.45 -6.83 18.16
C LYS B 14 21.06 -8.08 18.94
N ILE B 15 20.20 -8.90 18.35
CA ILE B 15 19.75 -10.11 19.01
C ILE B 15 20.00 -11.31 18.12
N ASP B 16 20.62 -12.35 18.66
CA ASP B 16 20.92 -13.55 17.90
C ASP B 16 19.72 -14.47 17.82
N ILE B 17 19.40 -14.91 16.61
CA ILE B 17 18.28 -15.80 16.38
C ILE B 17 18.79 -17.05 15.68
N LEU B 18 18.27 -18.20 16.09
CA LEU B 18 18.66 -19.48 15.52
C LEU B 18 20.18 -19.68 15.65
N ASP B 19 20.78 -20.46 14.74
CA ASP B 19 22.20 -20.71 14.82
C ASP B 19 23.13 -19.61 14.30
N LYS B 20 22.77 -18.96 13.20
CA LYS B 20 23.63 -17.89 12.65
C LYS B 20 22.89 -16.58 12.35
N GLY B 21 21.60 -16.51 12.68
CA GLY B 21 20.84 -15.32 12.39
C GLY B 21 20.80 -14.23 13.45
N PHE B 22 20.18 -13.11 13.10
CA PHE B 22 20.06 -12.00 14.03
C PHE B 22 19.07 -10.93 13.58
N VAL B 23 18.64 -10.12 14.53
CA VAL B 23 17.73 -9.02 14.29
C VAL B 23 18.40 -7.84 14.97
N GLU B 24 18.72 -6.82 14.17
CA GLU B 24 19.38 -5.64 14.70
C GLU B 24 18.62 -4.36 14.36
N LEU B 25 18.53 -3.46 15.34
CA LEU B 25 17.85 -2.19 15.16
C LEU B 25 18.83 -1.18 14.54
N VAL B 26 18.56 -0.78 13.31
CA VAL B 26 19.41 0.19 12.61
C VAL B 26 19.04 1.62 12.96
N ASP B 27 17.75 1.91 12.96
CA ASP B 27 17.29 3.27 13.24
C ASP B 27 15.83 3.27 13.72
N VAL B 28 15.43 4.37 14.35
CA VAL B 28 14.07 4.50 14.85
C VAL B 28 13.68 5.97 14.82
N MET B 29 12.44 6.25 14.44
CA MET B 29 11.97 7.62 14.44
C MET B 29 10.74 7.72 15.35
N GLY B 30 10.83 8.64 16.31
CA GLY B 30 9.73 8.84 17.22
C GLY B 30 9.68 7.83 18.36
N ASN B 31 8.67 7.99 19.20
CA ASN B 31 8.46 7.13 20.36
C ASN B 31 6.96 7.17 20.66
N ASP B 32 6.57 6.66 21.82
CA ASP B 32 5.16 6.65 22.20
C ASP B 32 4.53 8.03 22.05
N LEU B 33 5.29 9.07 22.37
CA LEU B 33 4.76 10.42 22.27
C LEU B 33 4.49 10.85 20.83
N SER B 34 5.16 10.22 19.87
CA SER B 34 4.92 10.54 18.47
C SER B 34 3.47 10.22 18.14
N ALA B 35 2.98 9.11 18.69
CA ALA B 35 1.61 8.68 18.45
C ALA B 35 0.64 9.57 19.21
N VAL B 36 1.03 9.96 20.42
CA VAL B 36 0.21 10.84 21.25
C VAL B 36 0.10 12.17 20.51
N ARG B 37 1.23 12.63 20.02
CA ARG B 37 1.32 13.88 19.28
C ARG B 37 0.36 13.86 18.09
N ALA B 38 0.49 12.85 17.24
CA ALA B 38 -0.37 12.73 16.07
C ALA B 38 -1.85 12.69 16.45
N ALA B 39 -2.19 11.87 17.44
CA ALA B 39 -3.57 11.72 17.88
C ALA B 39 -4.21 13.02 18.35
N ARG B 40 -3.44 13.86 19.02
CA ARG B 40 -3.92 15.13 19.56
C ARG B 40 -4.50 16.11 18.54
N VAL B 41 -3.90 16.18 17.36
CA VAL B 41 -4.36 17.09 16.32
C VAL B 41 -5.87 17.00 16.07
N SER B 42 -6.45 15.84 16.30
CA SER B 42 -7.88 15.64 16.09
C SER B 42 -8.69 16.61 16.92
N PHE B 43 -8.20 16.92 18.11
CA PHE B 43 -8.89 17.83 19.02
C PHE B 43 -8.14 19.15 19.18
N ASP B 44 -7.44 19.57 18.13
CA ASP B 44 -6.67 20.81 18.13
C ASP B 44 -5.81 20.89 19.38
N MET B 45 -5.21 19.77 19.77
CA MET B 45 -4.36 19.70 20.95
C MET B 45 -2.95 19.20 20.66
N GLY B 46 -2.04 19.40 21.62
CA GLY B 46 -0.67 18.94 21.48
C GLY B 46 -0.33 17.93 22.56
N LEU B 47 0.97 17.78 22.85
CA LEU B 47 1.42 16.85 23.88
C LEU B 47 1.43 17.49 25.26
N GLU B 51 1.37 11.98 32.40
CA GLU B 51 0.52 10.86 32.77
C GLU B 51 -0.67 10.76 31.83
N ARG B 52 -1.07 11.91 31.26
CA ARG B 52 -2.20 11.96 30.33
C ARG B 52 -1.87 11.23 29.03
N ASP B 53 -0.69 11.50 28.50
CA ASP B 53 -0.26 10.89 27.24
C ASP B 53 -0.30 9.37 27.29
N ARG B 54 0.14 8.80 28.40
CA ARG B 54 0.15 7.35 28.56
C ARG B 54 -1.28 6.80 28.48
N HIS B 55 -2.23 7.54 29.05
CA HIS B 55 -3.62 7.11 29.01
C HIS B 55 -4.23 7.19 27.61
N LEU B 56 -3.72 8.09 26.78
CA LEU B 56 -4.24 8.23 25.43
C LEU B 56 -3.86 6.98 24.62
N ILE B 57 -2.64 6.50 24.80
CA ILE B 57 -2.15 5.32 24.10
C ILE B 57 -3.10 4.14 24.34
N GLU B 58 -3.49 3.94 25.59
CA GLU B 58 -4.41 2.85 25.94
C GLU B 58 -5.74 3.06 25.24
N TYR B 59 -6.28 4.27 25.40
CA TYR B 59 -7.56 4.63 24.80
C TYR B 59 -7.57 4.24 23.32
N LEU B 60 -6.61 4.80 22.56
CA LEU B 60 -6.49 4.53 21.13
C LEU B 60 -6.37 3.03 20.84
N MET B 61 -5.53 2.36 21.61
CA MET B 61 -5.31 0.93 21.41
C MET B 61 -6.58 0.09 21.59
N LYS B 62 -7.26 0.26 22.73
CA LYS B 62 -8.47 -0.51 23.00
C LYS B 62 -9.67 -0.11 22.15
N HIS B 63 -9.65 1.12 21.62
CA HIS B 63 -10.77 1.57 20.80
C HIS B 63 -10.56 1.41 19.29
N GLY B 64 -9.37 0.96 18.89
CA GLY B 64 -9.13 0.75 17.47
C GLY B 64 -8.54 1.89 16.67
N HIS B 65 -8.01 2.91 17.35
CA HIS B 65 -7.40 4.04 16.65
C HIS B 65 -5.96 3.62 16.39
N GLU B 66 -5.73 3.03 15.23
CA GLU B 66 -4.39 2.54 14.87
C GLU B 66 -3.49 3.53 14.13
N THR B 67 -4.08 4.38 13.31
CA THR B 67 -3.31 5.34 12.51
C THR B 67 -2.24 6.15 13.24
N PRO B 68 -2.51 6.62 14.47
CA PRO B 68 -1.51 7.41 15.19
C PRO B 68 -0.17 6.69 15.34
N PHE B 69 -0.23 5.37 15.40
CA PHE B 69 0.98 4.57 15.55
C PHE B 69 1.79 4.43 14.28
N GLU B 70 1.23 4.88 13.15
CA GLU B 70 1.94 4.83 11.88
C GLU B 70 3.09 5.84 11.86
N HIS B 71 3.04 6.84 12.73
CA HIS B 71 4.09 7.86 12.76
C HIS B 71 5.36 7.44 13.51
N ILE B 72 5.35 6.22 14.06
CA ILE B 72 6.50 5.66 14.74
C ILE B 72 7.08 4.70 13.70
N VAL B 73 8.36 4.86 13.37
CA VAL B 73 8.97 4.00 12.35
C VAL B 73 10.29 3.39 12.76
N PHE B 74 10.50 2.14 12.37
CA PHE B 74 11.73 1.40 12.68
C PHE B 74 12.41 0.90 11.41
N THR B 75 13.73 0.73 11.50
CA THR B 75 14.51 0.18 10.43
C THR B 75 15.36 -0.92 11.07
N PHE B 76 15.12 -2.17 10.67
CA PHE B 76 15.88 -3.31 11.20
C PHE B 76 16.81 -3.89 10.15
N HIS B 77 17.86 -4.57 10.63
CA HIS B 77 18.84 -5.26 9.79
C HIS B 77 18.61 -6.72 10.20
N VAL B 78 18.14 -7.54 9.27
CA VAL B 78 17.85 -8.93 9.60
C VAL B 78 18.68 -9.96 8.83
N LYS B 79 19.09 -11.01 9.56
CA LYS B 79 19.86 -12.12 9.01
C LYS B 79 18.94 -13.32 9.24
N ALA B 80 18.46 -13.91 8.16
CA ALA B 80 17.55 -15.05 8.30
C ALA B 80 17.51 -16.00 7.13
N PRO B 81 17.02 -17.23 7.38
CA PRO B 81 16.91 -18.26 6.33
C PRO B 81 15.91 -17.78 5.28
N ILE B 82 16.14 -18.15 4.02
CA ILE B 82 15.24 -17.73 2.97
C ILE B 82 13.81 -18.21 3.18
N PHE B 83 13.61 -19.42 3.70
CA PHE B 83 12.23 -19.87 3.92
C PHE B 83 11.53 -18.95 4.92
N VAL B 84 12.34 -18.33 5.80
CA VAL B 84 11.82 -17.39 6.79
C VAL B 84 11.59 -16.03 6.12
N ALA B 85 12.56 -15.60 5.31
CA ALA B 85 12.44 -14.33 4.60
C ALA B 85 11.23 -14.32 3.67
N ARG B 86 11.00 -15.43 2.97
CA ARG B 86 9.87 -15.53 2.06
C ARG B 86 8.53 -15.24 2.75
N GLN B 87 8.38 -15.72 3.98
CA GLN B 87 7.15 -15.50 4.74
C GLN B 87 7.13 -14.04 5.22
N TRP B 88 8.28 -13.56 5.67
CA TRP B 88 8.41 -12.20 6.19
C TRP B 88 8.06 -11.16 5.12
N PHE B 89 8.58 -11.37 3.91
CA PHE B 89 8.37 -10.44 2.81
C PHE B 89 6.94 -10.40 2.30
N ARG B 90 6.10 -11.29 2.81
CA ARG B 90 4.70 -11.28 2.42
C ARG B 90 4.00 -10.07 3.06
N HIS B 91 4.68 -9.42 4.00
CA HIS B 91 4.13 -8.23 4.64
C HIS B 91 4.45 -7.05 3.73
N ARG B 92 3.48 -6.73 2.87
CA ARG B 92 3.60 -5.66 1.88
C ARG B 92 3.70 -4.23 2.41
N ILE B 93 3.10 -3.94 3.56
CA ILE B 93 3.16 -2.59 4.10
C ILE B 93 4.44 -2.36 4.89
N ALA B 94 5.53 -2.23 4.14
CA ALA B 94 6.85 -2.03 4.69
C ALA B 94 7.81 -1.88 3.52
N SER B 95 9.07 -1.60 3.81
CA SER B 95 10.08 -1.43 2.78
C SER B 95 11.20 -2.47 3.01
N TYR B 96 11.72 -3.05 1.93
CA TYR B 96 12.78 -4.03 2.04
C TYR B 96 13.92 -3.82 1.07
N ASN B 97 15.11 -4.23 1.48
CA ASN B 97 16.30 -4.18 0.65
C ASN B 97 17.13 -5.37 1.08
N GLU B 98 17.27 -6.32 0.17
CA GLU B 98 17.96 -7.57 0.44
C GLU B 98 19.22 -7.86 -0.37
N LEU B 99 20.04 -8.76 0.19
CA LEU B 99 21.27 -9.22 -0.43
C LEU B 99 20.83 -9.90 -1.73
N SER B 100 21.61 -9.77 -2.79
CA SER B 100 21.26 -10.36 -4.07
C SER B 100 22.05 -11.60 -4.44
N GLY B 101 21.35 -12.66 -4.83
CA GLY B 101 22.01 -13.89 -5.24
C GLY B 101 22.45 -13.79 -6.69
N ARG B 102 21.95 -12.76 -7.37
CA ARG B 102 22.30 -12.55 -8.77
C ARG B 102 23.61 -11.76 -8.86
N TYR B 103 23.78 -10.83 -7.93
CA TYR B 103 24.95 -9.96 -7.93
C TYR B 103 26.10 -10.43 -7.06
N SER B 104 25.81 -10.96 -5.88
CA SER B 104 26.87 -11.38 -4.98
C SER B 104 27.13 -12.87 -4.90
N LYS B 105 28.36 -13.21 -4.52
CA LYS B 105 28.79 -14.59 -4.34
C LYS B 105 28.30 -14.95 -2.93
N LEU B 106 27.38 -15.90 -2.84
CA LEU B 106 26.83 -16.29 -1.55
C LEU B 106 27.82 -17.08 -0.69
N SER B 107 27.87 -16.75 0.60
CA SER B 107 28.79 -17.43 1.49
C SER B 107 28.18 -18.66 2.16
N TYR B 108 29.06 -19.57 2.57
CA TYR B 108 28.66 -20.81 3.22
C TYR B 108 28.00 -20.58 4.58
N GLU B 109 26.71 -20.27 4.57
CA GLU B 109 25.96 -20.04 5.79
C GLU B 109 24.53 -20.56 5.65
N PHE B 110 24.23 -21.62 6.41
CA PHE B 110 22.91 -22.21 6.36
C PHE B 110 22.37 -22.49 7.75
N TYR B 111 21.04 -22.52 7.85
CA TYR B 111 20.37 -22.79 9.11
C TYR B 111 20.30 -24.29 9.34
N ILE B 112 21.00 -24.77 10.36
CA ILE B 112 20.98 -26.20 10.67
C ILE B 112 20.21 -26.32 11.98
N PRO B 113 18.99 -26.86 11.91
CA PRO B 113 18.18 -27.02 13.12
C PRO B 113 18.88 -27.91 14.13
N SER B 114 18.75 -27.58 15.41
CA SER B 114 19.35 -28.39 16.45
C SER B 114 18.41 -29.58 16.69
N PRO B 115 18.91 -30.63 17.32
CA PRO B 115 18.06 -31.80 17.58
C PRO B 115 16.81 -31.42 18.37
N GLU B 116 16.92 -30.37 19.19
CA GLU B 116 15.79 -29.92 20.00
C GLU B 116 14.61 -29.42 19.18
N ARG B 117 14.85 -29.09 17.91
CA ARG B 117 13.80 -28.59 17.03
C ARG B 117 12.71 -29.63 16.77
N LEU B 118 13.10 -30.90 16.80
CA LEU B 118 12.17 -32.01 16.58
C LEU B 118 11.57 -32.49 17.89
N GLU B 119 11.75 -31.71 18.94
CA GLU B 119 11.21 -32.05 20.25
C GLU B 119 9.69 -32.02 20.16
N GLY B 120 9.06 -33.14 20.49
CA GLY B 120 7.61 -33.19 20.44
C GLY B 120 7.07 -34.00 19.26
N TYR B 121 7.96 -34.53 18.43
CA TYR B 121 7.54 -35.32 17.29
C TYR B 121 8.20 -36.68 17.33
N LYS B 122 7.46 -37.72 16.94
CA LYS B 122 8.03 -39.05 16.92
C LYS B 122 8.56 -39.29 15.51
N THR B 123 9.83 -39.66 15.43
CA THR B 123 10.45 -39.88 14.13
C THR B 123 11.16 -41.23 14.03
N THR B 124 11.11 -41.81 12.85
CA THR B 124 11.74 -43.10 12.56
C THR B 124 13.22 -43.08 12.84
N ILE B 125 13.87 -41.97 12.50
CA ILE B 125 15.30 -41.83 12.75
C ILE B 125 15.52 -40.79 13.82
N PRO B 126 16.62 -40.90 14.57
CA PRO B 126 16.96 -39.97 15.65
C PRO B 126 17.05 -38.52 15.18
N PRO B 127 16.72 -37.57 16.09
CA PRO B 127 16.78 -36.15 15.76
C PRO B 127 18.17 -35.82 15.24
N GLU B 128 19.18 -36.41 15.88
CA GLU B 128 20.57 -36.20 15.49
C GLU B 128 20.83 -36.59 14.04
N ARG B 129 20.15 -37.63 13.59
CA ARG B 129 20.31 -38.08 12.21
C ARG B 129 19.68 -37.07 11.25
N VAL B 130 18.52 -36.54 11.65
CA VAL B 130 17.82 -35.55 10.83
C VAL B 130 18.72 -34.35 10.61
N THR B 131 19.31 -33.87 11.70
CA THR B 131 20.21 -32.72 11.65
C THR B 131 21.38 -33.04 10.72
N GLU B 132 21.86 -34.28 10.80
CA GLU B 132 22.98 -34.73 9.99
C GLU B 132 22.65 -34.73 8.49
N LYS B 133 21.49 -35.27 8.12
CA LYS B 133 21.09 -35.32 6.72
C LYS B 133 20.91 -33.92 6.10
N ILE B 134 20.41 -32.97 6.88
CA ILE B 134 20.22 -31.61 6.38
C ILE B 134 21.59 -31.01 6.05
N SER B 135 22.57 -31.27 6.91
CA SER B 135 23.94 -30.78 6.71
C SER B 135 24.55 -31.39 5.46
N GLU B 136 24.43 -32.71 5.32
CA GLU B 136 24.96 -33.39 4.15
C GLU B 136 24.44 -32.73 2.88
N ILE B 137 23.13 -32.54 2.81
CA ILE B 137 22.53 -31.90 1.64
C ILE B 137 23.05 -30.49 1.42
N VAL B 138 23.13 -29.72 2.49
CA VAL B 138 23.63 -28.35 2.42
C VAL B 138 25.06 -28.34 1.88
N ASP B 139 25.87 -29.25 2.41
CA ASP B 139 27.26 -29.36 1.98
C ASP B 139 27.41 -29.68 0.50
N LYS B 140 26.67 -30.66 0.01
CA LYS B 140 26.75 -31.03 -1.40
C LYS B 140 26.25 -29.88 -2.26
N ALA B 141 25.16 -29.26 -1.84
CA ALA B 141 24.57 -28.16 -2.58
C ALA B 141 25.54 -27.01 -2.75
N TYR B 142 26.15 -26.59 -1.65
CA TYR B 142 27.09 -25.48 -1.72
C TYR B 142 28.31 -25.80 -2.60
N ARG B 143 28.83 -27.02 -2.50
CA ARG B 143 29.99 -27.40 -3.30
C ARG B 143 29.63 -27.27 -4.78
N THR B 144 28.47 -27.81 -5.15
CA THR B 144 28.00 -27.76 -6.53
C THR B 144 27.89 -26.31 -6.98
N TYR B 145 27.39 -25.46 -6.09
CA TYR B 145 27.24 -24.04 -6.38
C TYR B 145 28.59 -23.41 -6.72
N LEU B 146 29.58 -23.65 -5.87
CA LEU B 146 30.91 -23.10 -6.08
C LEU B 146 31.52 -23.66 -7.36
N GLU B 147 31.34 -24.95 -7.59
CA GLU B 147 31.88 -25.57 -8.78
C GLU B 147 31.28 -24.98 -10.03
N LEU B 148 29.99 -24.64 -9.98
CA LEU B 148 29.34 -24.05 -11.14
C LEU B 148 29.92 -22.68 -11.40
N ILE B 149 30.01 -21.87 -10.35
CA ILE B 149 30.57 -20.53 -10.47
C ILE B 149 32.02 -20.56 -10.98
N GLU B 150 32.85 -21.40 -10.37
CA GLU B 150 34.25 -21.51 -10.79
C GLU B 150 34.34 -21.85 -12.27
N SER B 151 33.34 -22.57 -12.77
CA SER B 151 33.30 -22.96 -14.16
C SER B 151 32.78 -21.87 -15.10
N GLY B 152 32.49 -20.70 -14.53
CA GLY B 152 31.99 -19.60 -15.35
C GLY B 152 30.47 -19.51 -15.46
N VAL B 153 29.74 -20.30 -14.68
CA VAL B 153 28.28 -20.24 -14.73
C VAL B 153 27.79 -18.98 -14.02
N PRO B 154 26.92 -18.21 -14.68
CA PRO B 154 26.36 -16.97 -14.10
C PRO B 154 25.84 -17.22 -12.68
N ARG B 155 26.12 -16.31 -11.77
CA ARG B 155 25.66 -16.44 -10.39
C ARG B 155 24.14 -16.61 -10.25
N GLU B 156 23.37 -15.91 -11.09
CA GLU B 156 21.93 -16.01 -11.02
C GLU B 156 21.40 -17.41 -11.35
N VAL B 157 22.23 -18.21 -12.02
CA VAL B 157 21.87 -19.57 -12.39
C VAL B 157 22.45 -20.56 -11.38
N ALA B 158 23.71 -20.39 -11.03
CA ALA B 158 24.40 -21.27 -10.09
C ALA B 158 23.68 -21.37 -8.76
N ARG B 159 23.16 -20.25 -8.26
CA ARG B 159 22.51 -20.23 -6.97
C ARG B 159 21.21 -21.02 -6.85
N ILE B 160 20.59 -21.35 -7.97
CA ILE B 160 19.32 -22.07 -7.90
C ILE B 160 19.38 -23.45 -7.26
N VAL B 161 20.59 -23.96 -7.05
CA VAL B 161 20.73 -25.26 -6.43
C VAL B 161 20.84 -25.14 -4.92
N LEU B 162 20.97 -23.92 -4.43
CA LEU B 162 21.08 -23.71 -2.98
C LEU B 162 19.74 -23.91 -2.30
N PRO B 163 19.73 -24.60 -1.14
CA PRO B 163 18.51 -24.87 -0.38
C PRO B 163 17.90 -23.66 0.31
N LEU B 164 16.62 -23.80 0.69
CA LEU B 164 15.85 -22.76 1.35
C LEU B 164 16.37 -22.36 2.74
N ASN B 165 17.27 -23.15 3.32
CA ASN B 165 17.78 -22.82 4.63
C ASN B 165 19.02 -21.93 4.58
N LEU B 166 19.32 -21.44 3.38
CA LEU B 166 20.43 -20.53 3.14
C LEU B 166 20.11 -19.18 3.78
N TYR B 167 21.09 -18.60 4.47
CA TYR B 167 20.89 -17.32 5.11
C TYR B 167 20.99 -16.16 4.12
N THR B 168 20.12 -15.17 4.32
CA THR B 168 20.12 -13.98 3.47
C THR B 168 20.04 -12.78 4.44
N ARG B 169 20.25 -11.58 3.91
CA ARG B 169 20.21 -10.36 4.73
C ARG B 169 19.38 -9.26 4.09
N PHE B 170 18.74 -8.46 4.92
CA PHE B 170 17.93 -7.37 4.41
C PHE B 170 17.63 -6.31 5.44
N PHE B 171 17.28 -5.13 4.95
CA PHE B 171 16.89 -4.04 5.83
C PHE B 171 15.37 -4.05 5.80
N TRP B 172 14.75 -3.66 6.90
CA TRP B 172 13.31 -3.65 6.99
C TRP B 172 12.86 -2.38 7.69
N THR B 173 12.16 -1.52 6.94
CA THR B 173 11.64 -0.28 7.49
C THR B 173 10.14 -0.49 7.54
N VAL B 174 9.56 -0.34 8.73
CA VAL B 174 8.14 -0.58 8.90
C VAL B 174 7.65 0.28 10.06
N ASN B 175 6.41 0.74 9.98
CA ASN B 175 5.89 1.57 11.05
C ASN B 175 5.23 0.71 12.11
N ALA B 176 4.98 1.29 13.29
CA ALA B 176 4.40 0.60 14.43
C ALA B 176 3.08 -0.15 14.21
N ARG B 177 2.19 0.38 13.36
CA ARG B 177 0.91 -0.30 13.14
C ARG B 177 1.11 -1.59 12.35
N SER B 178 1.94 -1.50 11.32
CA SER B 178 2.23 -2.66 10.48
C SER B 178 3.07 -3.69 11.24
N LEU B 179 3.95 -3.18 12.11
CA LEU B 179 4.81 -4.06 12.91
C LEU B 179 3.92 -4.83 13.89
N MET B 180 2.86 -4.18 14.36
CA MET B 180 1.93 -4.82 15.28
C MET B 180 1.13 -5.90 14.58
N ASN B 181 0.79 -5.66 13.31
CA ASN B 181 0.06 -6.66 12.53
C ASN B 181 1.03 -7.85 12.34
N PHE B 182 2.30 -7.51 12.17
CA PHE B 182 3.35 -8.52 12.00
C PHE B 182 3.45 -9.41 13.24
N LEU B 183 3.43 -8.79 14.42
CA LEU B 183 3.52 -9.54 15.68
C LEU B 183 2.26 -10.37 15.91
N ASN B 184 1.10 -9.84 15.53
CA ASN B 184 -0.17 -10.58 15.67
C ASN B 184 -0.05 -11.92 14.93
N LEU B 185 0.47 -11.84 13.70
CA LEU B 185 0.59 -12.99 12.83
C LEU B 185 1.81 -13.88 13.00
N ARG B 186 2.97 -13.27 13.28
CA ARG B 186 4.20 -14.05 13.42
C ARG B 186 4.57 -14.39 14.86
N ALA B 187 4.26 -13.52 15.81
CA ALA B 187 4.55 -13.83 17.21
C ALA B 187 3.34 -14.64 17.64
N ASP B 188 3.11 -15.76 16.95
CA ASP B 188 1.97 -16.61 17.23
C ASP B 188 2.34 -18.07 16.99
N SER B 189 1.65 -18.98 17.67
CA SER B 189 1.94 -20.42 17.55
C SER B 189 1.63 -21.02 16.19
N HIS B 190 0.70 -20.42 15.45
CA HIS B 190 0.34 -20.94 14.13
C HIS B 190 1.41 -20.68 13.07
N ALA B 191 2.26 -19.69 13.33
CA ALA B 191 3.34 -19.36 12.40
C ALA B 191 4.46 -20.36 12.62
N GLN B 192 5.32 -20.54 11.63
CA GLN B 192 6.42 -21.49 11.78
C GLN B 192 7.36 -21.05 12.90
N TRP B 193 7.72 -22.01 13.74
CA TRP B 193 8.59 -21.75 14.89
C TRP B 193 9.76 -20.83 14.55
N GLU B 194 10.43 -21.07 13.44
CA GLU B 194 11.56 -20.23 13.10
C GLU B 194 11.26 -18.74 12.99
N ILE B 195 10.13 -18.36 12.39
CA ILE B 195 9.83 -16.94 12.28
C ILE B 195 9.29 -16.42 13.61
N GLN B 196 8.76 -17.33 14.43
CA GLN B 196 8.25 -16.96 15.75
C GLN B 196 9.42 -16.36 16.54
N GLN B 197 10.57 -17.03 16.47
CA GLN B 197 11.77 -16.60 17.16
C GLN B 197 12.19 -15.20 16.73
N TYR B 198 12.09 -14.92 15.44
CA TYR B 198 12.44 -13.58 14.97
C TYR B 198 11.44 -12.56 15.47
N ALA B 199 10.16 -12.95 15.51
CA ALA B 199 9.11 -12.05 15.96
C ALA B 199 9.30 -11.66 17.44
N LEU B 200 9.81 -12.59 18.25
CA LEU B 200 10.05 -12.31 19.66
C LEU B 200 11.14 -11.25 19.80
N ALA B 201 12.16 -11.34 18.97
CA ALA B 201 13.26 -10.36 19.01
C ALA B 201 12.72 -9.00 18.57
N ILE B 202 11.85 -9.00 17.58
CA ILE B 202 11.25 -7.77 17.08
C ILE B 202 10.41 -7.16 18.21
N ALA B 203 9.70 -8.02 18.93
CA ALA B 203 8.86 -7.56 20.03
C ALA B 203 9.71 -6.92 21.13
N ARG B 204 10.81 -7.57 21.48
CA ARG B 204 11.71 -7.08 22.53
C ARG B 204 12.15 -5.65 22.21
N ILE B 205 12.66 -5.45 21.00
CA ILE B 205 13.12 -4.14 20.55
C ILE B 205 11.97 -3.13 20.53
N PHE B 206 10.81 -3.58 20.04
CA PHE B 206 9.64 -2.72 19.97
C PHE B 206 9.27 -2.27 21.39
N LYS B 207 9.36 -3.18 22.34
CA LYS B 207 9.04 -2.90 23.74
C LYS B 207 10.01 -1.91 24.37
N GLU B 208 11.27 -1.98 23.95
CA GLU B 208 12.31 -1.10 24.48
C GLU B 208 12.22 0.33 23.94
N LYS B 209 11.70 0.47 22.72
CA LYS B 209 11.59 1.79 22.11
C LYS B 209 10.24 2.44 22.33
N CYS B 210 9.20 1.63 22.50
CA CYS B 210 7.84 2.15 22.70
C CYS B 210 7.14 1.31 23.75
N PRO B 211 7.62 1.39 25.01
CA PRO B 211 7.02 0.62 26.11
C PRO B 211 5.52 0.85 26.36
N TRP B 212 5.06 2.09 26.25
CA TRP B 212 3.63 2.35 26.48
C TRP B 212 2.78 1.73 25.38
N THR B 213 3.16 1.94 24.13
CA THR B 213 2.41 1.38 23.02
C THR B 213 2.42 -0.14 23.11
N PHE B 214 3.60 -0.70 23.41
CA PHE B 214 3.73 -2.15 23.53
C PHE B 214 2.82 -2.73 24.62
N GLU B 215 2.88 -2.15 25.82
CA GLU B 215 2.04 -2.64 26.92
C GLU B 215 0.58 -2.55 26.51
N ALA B 216 0.20 -1.39 25.98
CA ALA B 216 -1.18 -1.18 25.55
C ALA B 216 -1.55 -2.20 24.48
N PHE B 217 -0.61 -2.45 23.56
CA PHE B 217 -0.84 -3.41 22.50
C PHE B 217 -1.15 -4.81 23.03
N LEU B 218 -0.33 -5.31 23.95
CA LEU B 218 -0.54 -6.65 24.51
C LEU B 218 -1.86 -6.80 25.25
N LYS B 219 -2.19 -5.78 26.04
CA LYS B 219 -3.41 -5.78 26.83
C LYS B 219 -4.71 -5.55 26.08
N TYR B 220 -4.67 -4.77 25.00
CA TYR B 220 -5.91 -4.48 24.29
C TYR B 220 -6.07 -4.91 22.82
N ALA B 221 -4.98 -5.14 22.10
CA ALA B 221 -5.13 -5.48 20.69
C ALA B 221 -4.40 -6.71 20.16
N TYR B 222 -3.29 -7.06 20.80
CA TYR B 222 -2.52 -8.22 20.35
C TYR B 222 -3.44 -9.44 20.24
N LYS B 223 -3.42 -10.08 19.07
CA LYS B 223 -4.26 -11.23 18.80
C LYS B 223 -3.49 -12.56 18.85
N GLY B 224 -2.17 -12.46 18.93
CA GLY B 224 -1.34 -13.65 18.98
C GLY B 224 -1.44 -14.32 20.34
N ASP B 225 -0.65 -15.38 20.54
CA ASP B 225 -0.69 -16.10 21.80
C ASP B 225 0.60 -16.17 22.61
N ILE B 226 1.76 -16.16 21.96
CA ILE B 226 3.03 -16.27 22.68
C ILE B 226 3.54 -15.06 23.46
N LEU B 227 3.23 -13.84 23.03
CA LEU B 227 3.72 -12.66 23.74
C LEU B 227 3.08 -12.47 25.11
N LYS B 228 2.04 -13.24 25.40
CA LYS B 228 1.36 -13.14 26.70
C LYS B 228 1.90 -14.18 27.67
N GLU B 229 2.76 -15.05 27.16
CA GLU B 229 3.35 -16.09 28.00
C GLU B 229 4.86 -15.91 28.15
N VAL B 230 5.50 -15.44 27.09
CA VAL B 230 6.94 -15.24 27.08
C VAL B 230 7.36 -13.79 27.28
N GLN B 231 8.10 -13.52 28.36
CA GLN B 231 8.56 -12.18 28.66
C GLN B 231 9.41 -11.58 27.55
N VAL B 232 9.11 -10.32 27.24
CA VAL B 232 9.78 -9.52 26.22
C VAL B 232 10.01 -10.24 24.89
N MET C 13 -6.79 -18.76 -21.61
CA MET C 13 -5.41 -18.28 -21.92
C MET C 13 -4.39 -18.84 -20.95
N LYS C 14 -3.55 -19.73 -21.45
CA LYS C 14 -2.50 -20.33 -20.64
C LYS C 14 -1.24 -20.41 -21.49
N ILE C 15 -0.16 -19.82 -20.99
CA ILE C 15 1.10 -19.81 -21.72
C ILE C 15 2.19 -20.56 -20.94
N ASP C 16 2.84 -21.51 -21.61
CA ASP C 16 3.90 -22.30 -21.00
C ASP C 16 5.18 -21.46 -20.89
N ILE C 17 5.84 -21.55 -19.74
CA ILE C 17 7.07 -20.78 -19.51
C ILE C 17 8.13 -21.73 -18.95
N LEU C 18 9.37 -21.49 -19.32
CA LEU C 18 10.48 -22.31 -18.86
C LEU C 18 10.21 -23.79 -19.18
N ASP C 19 10.58 -24.70 -18.28
CA ASP C 19 10.34 -26.11 -18.57
C ASP C 19 9.05 -26.69 -17.99
N LYS C 20 8.55 -26.13 -16.90
CA LYS C 20 7.32 -26.63 -16.29
C LYS C 20 6.40 -25.52 -15.79
N GLY C 21 6.79 -24.26 -16.02
CA GLY C 21 5.97 -23.16 -15.55
C GLY C 21 4.91 -22.70 -16.53
N PHE C 22 4.05 -21.77 -16.09
CA PHE C 22 3.00 -21.23 -16.93
C PHE C 22 2.35 -20.00 -16.32
N VAL C 23 1.66 -19.23 -17.16
CA VAL C 23 0.94 -18.05 -16.73
C VAL C 23 -0.46 -18.24 -17.28
N GLU C 24 -1.43 -18.34 -16.38
CA GLU C 24 -2.80 -18.55 -16.78
C GLU C 24 -3.74 -17.43 -16.31
N LEU C 25 -4.56 -16.92 -17.23
CA LEU C 25 -5.52 -15.87 -16.91
C LEU C 25 -6.71 -16.50 -16.24
N VAL C 26 -6.93 -16.14 -14.99
CA VAL C 26 -8.03 -16.68 -14.21
C VAL C 26 -9.28 -15.81 -14.35
N ASP C 27 -9.11 -14.49 -14.25
CA ASP C 27 -10.24 -13.59 -14.37
C ASP C 27 -9.75 -12.21 -14.73
N VAL C 28 -10.69 -11.32 -15.07
CA VAL C 28 -10.36 -9.97 -15.43
C VAL C 28 -11.57 -9.06 -15.27
N MET C 29 -11.35 -7.87 -14.74
CA MET C 29 -12.44 -6.92 -14.58
C MET C 29 -12.18 -5.71 -15.47
N GLY C 30 -13.16 -5.38 -16.28
CA GLY C 30 -13.02 -4.24 -17.16
C GLY C 30 -12.12 -4.46 -18.36
N ASN C 31 -11.90 -3.38 -19.10
CA ASN C 31 -11.08 -3.37 -20.29
C ASN C 31 -10.62 -1.92 -20.48
N ASP C 32 -10.13 -1.56 -21.66
CA ASP C 32 -9.68 -0.21 -21.90
C ASP C 32 -10.72 0.84 -21.50
N LEU C 33 -11.99 0.55 -21.81
CA LEU C 33 -13.05 1.50 -21.50
C LEU C 33 -13.21 1.77 -20.02
N SER C 34 -12.80 0.81 -19.19
CA SER C 34 -12.88 0.97 -17.75
C SER C 34 -12.02 2.14 -17.30
N ALA C 35 -10.85 2.29 -17.92
CA ALA C 35 -9.96 3.41 -17.58
C ALA C 35 -10.62 4.70 -18.06
N VAL C 36 -11.23 4.63 -19.24
CA VAL C 36 -11.92 5.78 -19.81
C VAL C 36 -13.06 6.22 -18.90
N ARG C 37 -13.92 5.27 -18.51
CA ARG C 37 -15.04 5.57 -17.63
C ARG C 37 -14.59 6.17 -16.31
N ALA C 38 -13.47 5.68 -15.79
CA ALA C 38 -12.95 6.17 -14.52
C ALA C 38 -12.43 7.60 -14.64
N ALA C 39 -11.64 7.86 -15.68
CA ALA C 39 -11.10 9.18 -15.91
C ALA C 39 -12.19 10.23 -16.07
N ARG C 40 -13.26 9.89 -16.77
CA ARG C 40 -14.37 10.81 -16.99
C ARG C 40 -15.37 10.82 -15.83
N VAL C 41 -15.33 9.78 -15.01
CA VAL C 41 -16.25 9.66 -13.88
C VAL C 41 -17.71 9.65 -14.37
N SER C 42 -18.03 8.69 -15.24
CA SER C 42 -19.38 8.58 -15.77
C SER C 42 -19.75 7.13 -16.11
N PHE C 43 -21.02 6.80 -15.94
CA PHE C 43 -21.55 5.46 -16.21
C PHE C 43 -21.14 4.46 -15.13
N LYS C 48 -17.94 2.73 -27.22
CA LYS C 48 -18.52 4.08 -27.16
C LYS C 48 -18.05 4.99 -28.29
N ASP C 49 -16.77 5.39 -28.27
CA ASP C 49 -16.22 6.26 -29.31
C ASP C 49 -14.72 6.02 -29.42
N GLU C 50 -14.34 5.02 -30.20
CA GLU C 50 -12.94 4.66 -30.38
C GLU C 50 -11.98 5.83 -30.58
N GLU C 51 -12.32 6.76 -31.45
CA GLU C 51 -11.47 7.90 -31.72
C GLU C 51 -11.11 8.60 -30.41
N ARG C 52 -12.14 9.15 -29.77
CA ARG C 52 -11.96 9.87 -28.52
C ARG C 52 -11.46 9.02 -27.35
N ASP C 53 -12.05 7.84 -27.16
CA ASP C 53 -11.64 6.98 -26.07
C ASP C 53 -10.18 6.59 -26.14
N ARG C 54 -9.76 6.09 -27.30
CA ARG C 54 -8.37 5.70 -27.48
C ARG C 54 -7.47 6.92 -27.34
N HIS C 55 -7.92 8.05 -27.88
CA HIS C 55 -7.13 9.28 -27.78
C HIS C 55 -6.93 9.67 -26.32
N LEU C 56 -7.95 9.44 -25.51
CA LEU C 56 -7.90 9.77 -24.09
C LEU C 56 -6.91 8.85 -23.37
N ILE C 57 -6.98 7.56 -23.67
CA ILE C 57 -6.06 6.59 -23.09
C ILE C 57 -4.64 7.11 -23.33
N GLU C 58 -4.35 7.45 -24.59
CA GLU C 58 -3.03 7.96 -24.95
C GLU C 58 -2.70 9.27 -24.26
N TYR C 59 -3.71 10.13 -24.09
CA TYR C 59 -3.51 11.41 -23.42
C TYR C 59 -3.10 11.11 -21.97
N LEU C 60 -3.88 10.27 -21.29
CA LEU C 60 -3.59 9.92 -19.90
C LEU C 60 -2.18 9.34 -19.75
N MET C 61 -1.82 8.43 -20.66
CA MET C 61 -0.52 7.77 -20.63
C MET C 61 0.63 8.75 -20.86
N LYS C 62 0.45 9.65 -21.82
CA LYS C 62 1.44 10.64 -22.20
C LYS C 62 1.74 11.69 -21.11
N HIS C 63 0.72 12.09 -20.36
CA HIS C 63 0.90 13.10 -19.31
C HIS C 63 1.09 12.54 -17.90
N GLY C 64 1.16 11.23 -17.76
CA GLY C 64 1.37 10.63 -16.46
C GLY C 64 0.13 10.39 -15.59
N HIS C 65 -1.06 10.60 -16.13
CA HIS C 65 -2.28 10.36 -15.36
C HIS C 65 -2.53 8.86 -15.36
N GLU C 66 -1.95 8.18 -14.38
CA GLU C 66 -2.04 6.73 -14.29
C GLU C 66 -3.14 6.10 -13.43
N THR C 67 -3.71 6.85 -12.48
CA THR C 67 -4.75 6.28 -11.63
C THR C 67 -5.95 5.63 -12.34
N PRO C 68 -6.40 6.18 -13.48
CA PRO C 68 -7.55 5.56 -14.16
C PRO C 68 -7.35 4.09 -14.51
N PHE C 69 -6.11 3.71 -14.76
CA PHE C 69 -5.79 2.34 -15.13
C PHE C 69 -5.85 1.37 -13.96
N GLU C 70 -5.98 1.89 -12.75
CA GLU C 70 -6.09 1.06 -11.55
C GLU C 70 -7.46 0.38 -11.49
N HIS C 71 -8.39 0.87 -12.30
CA HIS C 71 -9.74 0.34 -12.34
C HIS C 71 -9.86 -0.87 -13.26
N ILE C 72 -8.73 -1.32 -13.79
CA ILE C 72 -8.67 -2.50 -14.64
C ILE C 72 -7.91 -3.49 -13.78
N VAL C 73 -8.50 -4.65 -13.51
CA VAL C 73 -7.86 -5.63 -12.64
C VAL C 73 -7.77 -7.05 -13.22
N PHE C 74 -6.62 -7.68 -13.01
CA PHE C 74 -6.38 -9.03 -13.50
C PHE C 74 -6.10 -10.02 -12.36
N THR C 75 -6.47 -11.27 -12.59
CA THR C 75 -6.15 -12.32 -11.63
C THR C 75 -5.46 -13.40 -12.46
N PHE C 76 -4.20 -13.68 -12.10
CA PHE C 76 -3.41 -14.68 -12.80
C PHE C 76 -3.13 -15.87 -11.91
N HIS C 77 -2.91 -17.01 -12.55
CA HIS C 77 -2.56 -18.25 -11.85
C HIS C 77 -1.17 -18.52 -12.42
N VAL C 78 -0.16 -18.51 -11.57
CA VAL C 78 1.21 -18.70 -12.02
C VAL C 78 1.95 -19.88 -11.38
N LYS C 79 2.74 -20.57 -12.20
CA LYS C 79 3.56 -21.69 -11.76
C LYS C 79 4.99 -21.29 -12.10
N ALA C 80 5.82 -21.10 -11.09
CA ALA C 80 7.18 -20.66 -11.33
C ALA C 80 8.12 -21.07 -10.21
N PRO C 81 9.44 -21.06 -10.50
CA PRO C 81 10.50 -21.42 -9.55
C PRO C 81 10.51 -20.41 -8.42
N ILE C 82 10.77 -20.88 -7.20
CA ILE C 82 10.80 -20.01 -6.04
C ILE C 82 11.72 -18.79 -6.22
N PHE C 83 12.88 -18.97 -6.84
CA PHE C 83 13.78 -17.83 -7.01
C PHE C 83 13.16 -16.78 -7.93
N VAL C 84 12.22 -17.21 -8.76
CA VAL C 84 11.48 -16.30 -9.64
C VAL C 84 10.33 -15.69 -8.83
N ALA C 85 9.65 -16.52 -8.05
CA ALA C 85 8.54 -16.05 -7.24
C ALA C 85 9.01 -15.03 -6.20
N ARG C 86 10.17 -15.27 -5.60
CA ARG C 86 10.69 -14.35 -4.61
C ARG C 86 10.91 -12.95 -5.17
N GLN C 87 11.34 -12.86 -6.43
CA GLN C 87 11.55 -11.58 -7.08
C GLN C 87 10.19 -10.96 -7.36
N TRP C 88 9.29 -11.79 -7.89
CA TRP C 88 7.92 -11.40 -8.22
C TRP C 88 7.16 -10.82 -7.03
N PHE C 89 7.21 -11.53 -5.91
CA PHE C 89 6.49 -11.12 -4.71
C PHE C 89 7.01 -9.81 -4.12
N ARG C 90 8.09 -9.28 -4.69
CA ARG C 90 8.61 -8.00 -4.19
C ARG C 90 7.66 -6.89 -4.67
N HIS C 91 6.75 -7.23 -5.58
CA HIS C 91 5.79 -6.22 -6.07
C HIS C 91 4.64 -6.18 -5.07
N ARG C 92 4.76 -5.26 -4.12
CA ARG C 92 3.80 -5.08 -3.03
C ARG C 92 2.40 -4.61 -3.36
N ILE C 93 2.24 -3.87 -4.45
CA ILE C 93 0.91 -3.38 -4.82
C ILE C 93 0.23 -4.44 -5.67
N ALA C 94 -0.20 -5.49 -4.98
CA ALA C 94 -0.87 -6.63 -5.60
C ALA C 94 -1.32 -7.59 -4.50
N SER C 95 -2.02 -8.63 -4.89
CA SER C 95 -2.52 -9.63 -3.96
C SER C 95 -2.01 -11.02 -4.34
N TYR C 96 -1.59 -11.79 -3.35
CA TYR C 96 -1.06 -13.12 -3.60
C TYR C 96 -1.63 -14.21 -2.72
N ASN C 97 -1.51 -15.44 -3.21
CA ASN C 97 -1.93 -16.64 -2.52
C ASN C 97 -1.14 -17.78 -3.14
N GLU C 98 -0.20 -18.32 -2.36
CA GLU C 98 0.68 -19.37 -2.81
C GLU C 98 0.53 -20.68 -2.06
N LEU C 99 0.97 -21.76 -2.70
CA LEU C 99 0.92 -23.07 -2.09
C LEU C 99 1.85 -23.04 -0.88
N SER C 100 1.51 -23.79 0.15
CA SER C 100 2.31 -23.83 1.37
C SER C 100 3.20 -25.06 1.46
N GLY C 101 4.45 -24.85 1.80
CA GLY C 101 5.38 -25.96 1.95
C GLY C 101 5.22 -26.52 3.35
N ARG C 102 4.64 -25.71 4.25
CA ARG C 102 4.41 -26.14 5.63
C ARG C 102 3.20 -27.06 5.71
N TYR C 103 2.26 -26.91 4.79
CA TYR C 103 1.03 -27.68 4.80
C TYR C 103 0.90 -28.79 3.75
N SER C 104 1.40 -28.52 2.57
CA SER C 104 1.33 -29.47 1.46
C SER C 104 2.63 -30.23 1.21
N LYS C 105 2.49 -31.45 0.72
CA LYS C 105 3.64 -32.29 0.41
C LYS C 105 4.08 -31.79 -0.97
N LEU C 106 5.33 -31.37 -1.07
CA LEU C 106 5.83 -30.83 -2.34
C LEU C 106 6.03 -31.88 -3.43
N SER C 107 5.64 -31.51 -4.65
CA SER C 107 5.75 -32.38 -5.81
C SER C 107 7.17 -32.30 -6.36
N TYR C 108 7.58 -33.33 -7.09
CA TYR C 108 8.89 -33.40 -7.69
C TYR C 108 8.92 -32.56 -8.96
N GLU C 109 8.92 -31.24 -8.80
CA GLU C 109 8.98 -30.35 -9.95
C GLU C 109 9.96 -29.21 -9.69
N PHE C 110 11.04 -29.24 -10.45
CA PHE C 110 12.08 -28.24 -10.34
C PHE C 110 12.44 -27.69 -11.70
N TYR C 111 12.97 -26.47 -11.72
CA TYR C 111 13.39 -25.86 -12.96
C TYR C 111 14.84 -26.26 -13.26
N ILE C 112 15.01 -27.05 -14.32
CA ILE C 112 16.33 -27.50 -14.70
C ILE C 112 16.71 -26.73 -15.97
N PRO C 113 17.65 -25.78 -15.86
CA PRO C 113 18.08 -24.99 -17.01
C PRO C 113 18.60 -25.90 -18.10
N SER C 114 18.23 -25.62 -19.34
CA SER C 114 18.71 -26.42 -20.46
C SER C 114 20.07 -25.84 -20.84
N PRO C 115 20.84 -26.57 -21.68
CA PRO C 115 22.17 -26.08 -22.09
C PRO C 115 22.12 -24.71 -22.75
N GLU C 116 21.10 -24.48 -23.57
CA GLU C 116 20.94 -23.21 -24.26
C GLU C 116 20.94 -22.01 -23.32
N ARG C 117 20.50 -22.24 -22.07
CA ARG C 117 20.47 -21.17 -21.09
C ARG C 117 21.87 -20.62 -20.85
N LEU C 118 22.88 -21.41 -21.17
CA LEU C 118 24.26 -21.00 -20.98
C LEU C 118 24.98 -20.65 -22.28
N GLU C 119 24.22 -20.42 -23.34
CA GLU C 119 24.81 -20.05 -24.62
C GLU C 119 25.37 -18.64 -24.46
N GLY C 120 26.61 -18.44 -24.86
CA GLY C 120 27.21 -17.12 -24.74
C GLY C 120 28.17 -16.99 -23.59
N TYR C 121 28.00 -17.82 -22.56
CA TYR C 121 28.89 -17.77 -21.41
C TYR C 121 29.97 -18.82 -21.58
N LYS C 122 31.23 -18.42 -21.42
CA LYS C 122 32.34 -19.36 -21.57
C LYS C 122 32.54 -20.14 -20.28
N THR C 123 32.24 -21.43 -20.33
CA THR C 123 32.38 -22.29 -19.17
C THR C 123 33.47 -23.35 -19.35
N THR C 124 34.06 -23.76 -18.24
CA THR C 124 35.12 -24.77 -18.27
C THR C 124 34.54 -26.17 -18.51
N ILE C 125 33.22 -26.28 -18.47
CA ILE C 125 32.57 -27.57 -18.70
C ILE C 125 31.43 -27.39 -19.70
N PRO C 126 31.12 -28.45 -20.46
CA PRO C 126 30.03 -28.35 -21.45
C PRO C 126 28.70 -27.97 -20.78
N PRO C 127 27.94 -27.06 -21.41
CA PRO C 127 26.65 -26.62 -20.87
C PRO C 127 25.78 -27.78 -20.40
N GLU C 128 25.88 -28.90 -21.10
CA GLU C 128 25.08 -30.08 -20.76
C GLU C 128 25.47 -30.67 -19.41
N ARG C 129 26.74 -30.49 -19.04
CA ARG C 129 27.23 -30.99 -17.76
C ARG C 129 26.61 -30.17 -16.63
N VAL C 130 26.46 -28.88 -16.86
CA VAL C 130 25.87 -27.98 -15.87
C VAL C 130 24.44 -28.44 -15.62
N THR C 131 23.74 -28.80 -16.68
CA THR C 131 22.38 -29.30 -16.59
C THR C 131 22.36 -30.56 -15.71
N GLU C 132 23.31 -31.46 -15.97
CA GLU C 132 23.41 -32.70 -15.20
C GLU C 132 23.77 -32.42 -13.75
N LYS C 133 24.71 -31.50 -13.51
CA LYS C 133 25.12 -31.16 -12.15
C LYS C 133 23.92 -30.65 -11.36
N ILE C 134 23.14 -29.76 -11.98
CA ILE C 134 21.96 -29.20 -11.35
C ILE C 134 20.91 -30.27 -11.11
N SER C 135 20.69 -31.12 -12.11
CA SER C 135 19.70 -32.17 -12.01
C SER C 135 20.02 -33.17 -10.90
N GLU C 136 21.31 -33.48 -10.75
CA GLU C 136 21.75 -34.43 -9.73
C GLU C 136 21.52 -33.92 -8.32
N ILE C 137 21.94 -32.69 -8.05
CA ILE C 137 21.76 -32.12 -6.73
C ILE C 137 20.27 -31.98 -6.41
N VAL C 138 19.48 -31.58 -7.39
CA VAL C 138 18.04 -31.45 -7.19
C VAL C 138 17.49 -32.81 -6.78
N ASP C 139 17.91 -33.84 -7.51
CA ASP C 139 17.47 -35.20 -7.23
C ASP C 139 17.84 -35.65 -5.82
N LYS C 140 19.07 -35.39 -5.40
CA LYS C 140 19.50 -35.78 -4.06
C LYS C 140 18.65 -35.06 -3.02
N ALA C 141 18.51 -33.75 -3.18
CA ALA C 141 17.75 -32.95 -2.25
C ALA C 141 16.32 -33.47 -2.09
N TYR C 142 15.64 -33.69 -3.20
CA TYR C 142 14.28 -34.18 -3.13
C TYR C 142 14.20 -35.53 -2.42
N ARG C 143 15.15 -36.41 -2.71
CA ARG C 143 15.17 -37.73 -2.08
C ARG C 143 15.35 -37.64 -0.56
N THR C 144 16.20 -36.73 -0.09
CA THR C 144 16.40 -36.57 1.36
C THR C 144 15.14 -35.97 1.97
N TYR C 145 14.51 -35.05 1.24
CA TYR C 145 13.29 -34.42 1.70
C TYR C 145 12.21 -35.49 1.92
N LEU C 146 12.07 -36.39 0.95
CA LEU C 146 11.08 -37.46 1.04
C LEU C 146 11.37 -38.39 2.21
N GLU C 147 12.64 -38.72 2.42
CA GLU C 147 13.02 -39.60 3.52
C GLU C 147 12.71 -38.93 4.85
N LEU C 148 12.91 -37.60 4.92
CA LEU C 148 12.64 -36.88 6.15
C LEU C 148 11.14 -36.93 6.46
N ILE C 149 10.33 -36.65 5.45
CA ILE C 149 8.88 -36.68 5.59
C ILE C 149 8.42 -38.07 6.04
N GLU C 150 8.94 -39.10 5.38
CA GLU C 150 8.59 -40.49 5.68
C GLU C 150 8.93 -40.89 7.12
N SER C 151 10.06 -40.42 7.61
CA SER C 151 10.50 -40.75 8.96
C SER C 151 9.70 -40.00 10.02
N GLY C 152 8.94 -39.00 9.62
CA GLY C 152 8.15 -38.26 10.60
C GLY C 152 8.52 -36.80 10.79
N VAL C 153 9.57 -36.34 10.12
CA VAL C 153 9.96 -34.94 10.25
C VAL C 153 8.85 -34.06 9.67
N PRO C 154 8.49 -32.99 10.40
CA PRO C 154 7.43 -32.07 9.95
C PRO C 154 7.75 -31.45 8.58
N ARG C 155 6.71 -31.31 7.75
CA ARG C 155 6.88 -30.73 6.42
C ARG C 155 7.66 -29.42 6.46
N GLU C 156 7.19 -28.47 7.27
CA GLU C 156 7.82 -27.17 7.36
C GLU C 156 9.32 -27.23 7.64
N VAL C 157 9.79 -28.35 8.19
CA VAL C 157 11.22 -28.49 8.48
C VAL C 157 11.94 -29.26 7.39
N ALA C 158 11.29 -30.30 6.90
CA ALA C 158 11.86 -31.14 5.85
C ALA C 158 12.09 -30.39 4.53
N ARG C 159 11.24 -29.42 4.23
CA ARG C 159 11.39 -28.71 2.96
C ARG C 159 12.54 -27.72 2.89
N ILE C 160 13.21 -27.45 4.02
CA ILE C 160 14.29 -26.48 4.01
C ILE C 160 15.53 -26.93 3.24
N VAL C 161 15.58 -28.22 2.88
CA VAL C 161 16.72 -28.71 2.11
C VAL C 161 16.39 -28.63 0.62
N LEU C 162 15.18 -28.22 0.28
CA LEU C 162 14.80 -28.12 -1.13
C LEU C 162 15.42 -26.88 -1.78
N PRO C 163 15.96 -27.04 -3.01
CA PRO C 163 16.61 -25.99 -3.82
C PRO C 163 15.69 -24.85 -4.23
N LEU C 164 16.27 -23.69 -4.50
CA LEU C 164 15.52 -22.50 -4.91
C LEU C 164 14.79 -22.67 -6.24
N ASN C 165 15.13 -23.72 -6.98
CA ASN C 165 14.48 -23.93 -8.26
C ASN C 165 13.23 -24.81 -8.16
N LEU C 166 12.76 -25.03 -6.94
CA LEU C 166 11.53 -25.81 -6.71
C LEU C 166 10.39 -24.96 -7.27
N TYR C 167 9.48 -25.57 -8.02
CA TYR C 167 8.36 -24.83 -8.58
C TYR C 167 7.28 -24.62 -7.55
N THR C 168 6.64 -23.46 -7.60
CA THR C 168 5.54 -23.15 -6.70
C THR C 168 4.43 -22.54 -7.55
N ARG C 169 3.23 -22.48 -7.00
CA ARG C 169 2.08 -21.90 -7.72
C ARG C 169 1.42 -20.82 -6.87
N PHE C 170 0.87 -19.82 -7.54
CA PHE C 170 0.18 -18.76 -6.81
C PHE C 170 -0.83 -17.99 -7.66
N PHE C 171 -1.74 -17.32 -6.98
CA PHE C 171 -2.74 -16.51 -7.64
C PHE C 171 -2.23 -15.08 -7.47
N TRP C 172 -2.31 -14.31 -8.55
CA TRP C 172 -1.83 -12.94 -8.52
C TRP C 172 -2.93 -12.01 -9.06
N THR C 173 -3.41 -11.12 -8.21
CA THR C 173 -4.44 -10.16 -8.62
C THR C 173 -3.76 -8.80 -8.57
N VAL C 174 -3.72 -8.12 -9.71
CA VAL C 174 -3.06 -6.82 -9.81
C VAL C 174 -3.81 -5.92 -10.78
N ASN C 175 -3.77 -4.60 -10.55
CA ASN C 175 -4.45 -3.71 -11.47
C ASN C 175 -3.48 -3.32 -12.60
N ALA C 176 -4.01 -2.79 -13.70
CA ALA C 176 -3.20 -2.42 -14.86
C ALA C 176 -2.03 -1.50 -14.54
N ARG C 177 -2.23 -0.55 -13.65
CA ARG C 177 -1.16 0.37 -13.29
C ARG C 177 0.04 -0.36 -12.66
N SER C 178 -0.24 -1.21 -11.67
CA SER C 178 0.81 -1.96 -11.00
C SER C 178 1.45 -2.97 -11.95
N LEU C 179 0.64 -3.52 -12.85
CA LEU C 179 1.12 -4.49 -13.81
C LEU C 179 2.05 -3.79 -14.81
N MET C 180 1.77 -2.53 -15.13
CA MET C 180 2.63 -1.79 -16.05
C MET C 180 3.97 -1.51 -15.40
N ASN C 181 3.96 -1.33 -14.08
CA ASN C 181 5.21 -1.09 -13.34
C ASN C 181 6.00 -2.40 -13.40
N PHE C 182 5.28 -3.51 -13.23
CA PHE C 182 5.87 -4.85 -13.29
C PHE C 182 6.55 -5.06 -14.64
N LEU C 183 5.88 -4.67 -15.72
CA LEU C 183 6.45 -4.83 -17.04
C LEU C 183 7.72 -3.98 -17.22
N ASN C 184 7.67 -2.73 -16.73
CA ASN C 184 8.82 -1.84 -16.81
C ASN C 184 10.04 -2.49 -16.21
N LEU C 185 9.85 -3.03 -15.02
CA LEU C 185 10.93 -3.65 -14.27
C LEU C 185 11.31 -5.06 -14.70
N ARG C 186 10.33 -5.88 -15.05
CA ARG C 186 10.61 -7.27 -15.41
C ARG C 186 10.72 -7.60 -16.89
N ALA C 187 9.96 -6.91 -17.74
CA ALA C 187 10.05 -7.15 -19.18
C ALA C 187 11.20 -6.23 -19.60
N ASP C 188 12.38 -6.52 -19.06
CA ASP C 188 13.57 -5.72 -19.32
C ASP C 188 14.81 -6.59 -19.19
N SER C 189 15.85 -6.28 -19.97
CA SER C 189 17.08 -7.06 -19.97
C SER C 189 17.86 -7.08 -18.66
N HIS C 190 17.61 -6.11 -17.78
CA HIS C 190 18.30 -6.07 -16.50
C HIS C 190 17.72 -7.12 -15.54
N ALA C 191 16.45 -7.45 -15.70
CA ALA C 191 15.83 -8.45 -14.85
C ALA C 191 16.40 -9.81 -15.28
N GLN C 192 16.37 -10.79 -14.37
CA GLN C 192 16.88 -12.11 -14.71
C GLN C 192 16.07 -12.68 -15.87
N TRP C 193 16.74 -13.39 -16.75
CA TRP C 193 16.13 -13.99 -17.94
C TRP C 193 14.86 -14.76 -17.61
N GLU C 194 14.92 -15.60 -16.59
CA GLU C 194 13.78 -16.42 -16.19
C GLU C 194 12.50 -15.61 -15.89
N ILE C 195 12.60 -14.50 -15.16
CA ILE C 195 11.38 -13.74 -14.89
C ILE C 195 10.97 -12.91 -16.12
N GLN C 196 11.92 -12.64 -17.01
CA GLN C 196 11.62 -11.89 -18.25
C GLN C 196 10.61 -12.69 -19.06
N GLN C 197 10.83 -13.99 -19.13
CA GLN C 197 9.96 -14.89 -19.87
C GLN C 197 8.53 -14.83 -19.35
N TYR C 198 8.37 -14.75 -18.03
CA TYR C 198 7.04 -14.65 -17.45
C TYR C 198 6.41 -13.30 -17.79
N ALA C 199 7.21 -12.24 -17.70
CA ALA C 199 6.75 -10.89 -18.00
C ALA C 199 6.22 -10.79 -19.42
N LEU C 200 6.86 -11.50 -20.34
CA LEU C 200 6.42 -11.50 -21.73
C LEU C 200 5.03 -12.08 -21.78
N ALA C 201 4.85 -13.20 -21.08
CA ALA C 201 3.56 -13.87 -21.02
C ALA C 201 2.52 -12.94 -20.42
N ILE C 202 2.90 -12.25 -19.34
CA ILE C 202 2.00 -11.30 -18.70
C ILE C 202 1.60 -10.23 -19.72
N ALA C 203 2.60 -9.74 -20.46
CA ALA C 203 2.37 -8.71 -21.47
C ALA C 203 1.39 -9.16 -22.56
N ARG C 204 1.55 -10.38 -23.05
CA ARG C 204 0.66 -10.89 -24.11
C ARG C 204 -0.80 -10.81 -23.68
N ILE C 205 -1.10 -11.36 -22.51
CA ILE C 205 -2.46 -11.37 -21.97
C ILE C 205 -2.98 -9.95 -21.79
N PHE C 206 -2.15 -9.09 -21.23
CA PHE C 206 -2.51 -7.71 -20.99
C PHE C 206 -2.88 -7.08 -22.32
N LYS C 207 -2.02 -7.27 -23.31
CA LYS C 207 -2.22 -6.74 -24.65
C LYS C 207 -3.54 -7.26 -25.22
N GLU C 208 -3.82 -8.54 -24.98
CA GLU C 208 -5.05 -9.17 -25.46
C GLU C 208 -6.32 -8.55 -24.86
N LYS C 209 -6.26 -8.23 -23.56
CA LYS C 209 -7.43 -7.66 -22.87
C LYS C 209 -7.55 -6.14 -22.94
N CYS C 210 -6.43 -5.45 -23.01
CA CYS C 210 -6.44 -3.99 -23.06
C CYS C 210 -5.50 -3.52 -24.17
N PRO C 211 -5.86 -3.82 -25.44
CA PRO C 211 -5.03 -3.41 -26.57
C PRO C 211 -4.70 -1.91 -26.61
N TRP C 212 -5.67 -1.06 -26.29
CA TRP C 212 -5.43 0.38 -26.31
C TRP C 212 -4.43 0.83 -25.25
N THR C 213 -4.63 0.36 -24.02
CA THR C 213 -3.74 0.73 -22.93
C THR C 213 -2.30 0.25 -23.16
N PHE C 214 -2.16 -1.00 -23.62
CA PHE C 214 -0.84 -1.58 -23.87
C PHE C 214 -0.07 -0.81 -24.93
N GLU C 215 -0.72 -0.51 -26.05
CA GLU C 215 -0.07 0.24 -27.12
C GLU C 215 0.34 1.62 -26.62
N ALA C 216 -0.57 2.27 -25.90
CA ALA C 216 -0.31 3.58 -25.36
C ALA C 216 0.87 3.47 -24.39
N PHE C 217 0.86 2.41 -23.60
CA PHE C 217 1.92 2.16 -22.64
C PHE C 217 3.28 2.03 -23.34
N LEU C 218 3.37 1.15 -24.34
CA LEU C 218 4.62 0.94 -25.06
C LEU C 218 5.10 2.22 -25.73
N LYS C 219 4.15 2.98 -26.25
CA LYS C 219 4.44 4.20 -26.96
C LYS C 219 4.89 5.38 -26.10
N TYR C 220 4.28 5.57 -24.94
CA TYR C 220 4.62 6.71 -24.11
C TYR C 220 5.25 6.51 -22.74
N ALA C 221 4.96 5.40 -22.08
CA ALA C 221 5.49 5.21 -20.74
C ALA C 221 6.49 4.08 -20.48
N TYR C 222 6.37 2.98 -21.22
CA TYR C 222 7.26 1.83 -21.03
C TYR C 222 8.75 2.18 -20.98
N LYS C 223 9.42 1.73 -19.92
CA LYS C 223 10.84 2.01 -19.73
C LYS C 223 11.75 0.82 -20.02
N GLY C 224 11.16 -0.35 -20.19
CA GLY C 224 11.96 -1.53 -20.47
C GLY C 224 12.56 -1.52 -21.87
N ASP C 225 13.18 -2.62 -22.26
CA ASP C 225 13.79 -2.69 -23.58
C ASP C 225 13.47 -3.93 -24.41
N ILE C 226 12.61 -4.83 -23.92
CA ILE C 226 12.30 -6.01 -24.72
C ILE C 226 10.94 -5.98 -25.42
N LEU C 227 9.95 -5.33 -24.81
CA LEU C 227 8.61 -5.29 -25.41
C LEU C 227 8.55 -4.50 -26.71
N LYS C 228 9.55 -3.65 -26.96
CA LYS C 228 9.57 -2.88 -28.19
C LYS C 228 10.41 -3.64 -29.23
N GLU C 229 10.89 -4.81 -28.85
CA GLU C 229 11.71 -5.63 -29.73
C GLU C 229 11.08 -6.99 -30.00
N VAL C 230 10.20 -7.42 -29.10
CA VAL C 230 9.54 -8.72 -29.23
C VAL C 230 8.04 -8.56 -29.38
N GLN C 231 7.49 -9.14 -30.44
CA GLN C 231 6.06 -9.06 -30.71
C GLN C 231 5.23 -9.67 -29.58
N VAL C 232 4.13 -8.99 -29.23
CA VAL C 232 3.20 -9.37 -28.16
C VAL C 232 3.83 -9.77 -26.82
N MET D 13 -27.42 -1.93 -10.80
CA MET D 13 -27.82 -1.88 -9.37
C MET D 13 -27.40 -0.56 -8.73
N LYS D 14 -28.38 0.23 -8.32
CA LYS D 14 -28.14 1.54 -7.73
C LYS D 14 -28.99 1.80 -6.48
N ILE D 15 -28.40 2.48 -5.51
CA ILE D 15 -29.08 2.82 -4.27
C ILE D 15 -28.93 4.32 -3.97
N ASP D 16 -30.05 5.01 -3.74
CA ASP D 16 -30.00 6.44 -3.44
C ASP D 16 -29.65 6.64 -1.97
N ILE D 17 -28.84 7.66 -1.70
CA ILE D 17 -28.42 7.96 -0.34
C ILE D 17 -28.64 9.44 -0.06
N LEU D 18 -29.06 9.74 1.17
CA LEU D 18 -29.30 11.12 1.57
C LEU D 18 -30.29 11.76 0.62
N ASP D 19 -30.20 13.08 0.43
CA ASP D 19 -31.14 13.78 -0.44
C ASP D 19 -30.89 13.70 -1.94
N LYS D 20 -29.63 13.67 -2.36
CA LYS D 20 -29.35 13.62 -3.79
C LYS D 20 -28.20 12.67 -4.14
N GLY D 21 -27.73 11.92 -3.14
CA GLY D 21 -26.62 11.02 -3.37
C GLY D 21 -26.99 9.63 -3.80
N PHE D 22 -25.99 8.84 -4.17
CA PHE D 22 -26.20 7.46 -4.58
C PHE D 22 -24.93 6.63 -4.59
N VAL D 23 -25.14 5.33 -4.72
CA VAL D 23 -24.06 4.37 -4.80
C VAL D 23 -24.50 3.35 -5.84
N GLU D 24 -23.76 3.23 -6.94
CA GLU D 24 -24.12 2.25 -7.94
C GLU D 24 -22.97 1.34 -8.27
N LEU D 25 -23.29 0.07 -8.48
CA LEU D 25 -22.28 -0.90 -8.82
C LEU D 25 -21.97 -0.69 -10.29
N VAL D 26 -20.68 -0.57 -10.61
CA VAL D 26 -20.24 -0.37 -11.98
C VAL D 26 -19.80 -1.70 -12.55
N ASP D 27 -19.05 -2.46 -11.76
CA ASP D 27 -18.54 -3.74 -12.21
C ASP D 27 -18.02 -4.53 -11.00
N VAL D 28 -17.76 -5.81 -11.20
CA VAL D 28 -17.27 -6.66 -10.13
C VAL D 28 -16.47 -7.80 -10.75
N MET D 29 -15.41 -8.21 -10.07
CA MET D 29 -14.62 -9.32 -10.57
C MET D 29 -14.67 -10.47 -9.59
N GLY D 30 -15.23 -11.58 -10.04
CA GLY D 30 -15.32 -12.76 -9.19
C GLY D 30 -16.55 -12.83 -8.32
N ASN D 31 -16.49 -13.73 -7.34
CA ASN D 31 -17.57 -13.96 -6.39
C ASN D 31 -17.00 -14.79 -5.26
N ASP D 32 -17.87 -15.34 -4.41
CA ASP D 32 -17.41 -16.15 -3.28
C ASP D 32 -16.41 -17.21 -3.70
N LEU D 33 -16.62 -17.79 -4.88
CA LEU D 33 -15.73 -18.83 -5.39
C LEU D 33 -14.35 -18.30 -5.78
N SER D 34 -14.26 -17.00 -6.03
CA SER D 34 -12.98 -16.39 -6.37
C SER D 34 -12.05 -16.50 -5.18
N ALA D 35 -12.62 -16.31 -4.00
CA ALA D 35 -11.87 -16.39 -2.75
C ALA D 35 -11.54 -17.84 -2.46
N VAL D 36 -12.50 -18.72 -2.75
CA VAL D 36 -12.31 -20.16 -2.53
C VAL D 36 -11.18 -20.68 -3.42
N ARG D 37 -11.13 -20.23 -4.67
CA ARG D 37 -10.08 -20.68 -5.57
C ARG D 37 -8.71 -20.20 -5.13
N ALA D 38 -8.62 -18.92 -4.76
CA ALA D 38 -7.36 -18.35 -4.33
C ALA D 38 -6.77 -19.13 -3.15
N ALA D 39 -7.59 -19.44 -2.16
CA ALA D 39 -7.16 -20.17 -0.98
C ALA D 39 -6.76 -21.62 -1.26
N ARG D 40 -7.52 -22.31 -2.11
CA ARG D 40 -7.20 -23.70 -2.42
C ARG D 40 -5.81 -23.86 -3.03
N VAL D 41 -5.30 -22.81 -3.65
CA VAL D 41 -3.96 -22.90 -4.22
C VAL D 41 -2.98 -22.66 -3.06
N SER D 42 -3.06 -23.56 -2.08
CA SER D 42 -2.23 -23.54 -0.87
C SER D 42 -1.97 -24.98 -0.46
N PHE D 43 -3.03 -25.79 -0.54
CA PHE D 43 -2.96 -27.21 -0.20
C PHE D 43 -2.93 -28.00 -1.50
N ASP D 44 -2.65 -27.28 -2.59
CA ASP D 44 -2.58 -27.84 -3.93
C ASP D 44 -3.92 -28.46 -4.35
N MET D 45 -4.99 -28.09 -3.64
CA MET D 45 -6.34 -28.60 -3.92
C MET D 45 -6.69 -28.43 -5.39
N ASP D 49 -17.31 -28.49 -4.07
CA ASP D 49 -18.77 -28.39 -4.07
C ASP D 49 -19.24 -27.31 -3.09
N GLU D 50 -20.54 -27.02 -3.13
CA GLU D 50 -21.11 -25.98 -2.27
C GLU D 50 -20.79 -26.07 -0.78
N GLU D 51 -21.29 -27.09 -0.11
CA GLU D 51 -21.04 -27.24 1.32
C GLU D 51 -19.56 -27.17 1.70
N ARG D 52 -18.69 -27.79 0.91
CA ARG D 52 -17.26 -27.78 1.19
C ARG D 52 -16.66 -26.40 0.96
N ASP D 53 -17.20 -25.67 -0.01
CA ASP D 53 -16.69 -24.36 -0.34
C ASP D 53 -17.16 -23.27 0.62
N ARG D 54 -18.46 -23.20 0.84
CA ARG D 54 -19.01 -22.20 1.74
C ARG D 54 -18.47 -22.39 3.15
N HIS D 55 -18.12 -23.63 3.48
CA HIS D 55 -17.56 -23.96 4.80
C HIS D 55 -16.12 -23.46 4.88
N LEU D 56 -15.43 -23.51 3.75
CA LEU D 56 -14.04 -23.05 3.71
C LEU D 56 -14.07 -21.54 3.94
N ILE D 57 -15.04 -20.88 3.32
CA ILE D 57 -15.17 -19.44 3.45
C ILE D 57 -15.42 -19.03 4.89
N GLU D 58 -16.30 -19.77 5.58
CA GLU D 58 -16.58 -19.46 6.98
C GLU D 58 -15.32 -19.77 7.79
N TYR D 59 -14.56 -20.76 7.35
CA TYR D 59 -13.31 -21.15 8.03
C TYR D 59 -12.27 -20.03 7.90
N LEU D 60 -12.11 -19.49 6.69
CA LEU D 60 -11.14 -18.42 6.45
C LEU D 60 -11.51 -17.17 7.23
N MET D 61 -12.79 -16.82 7.24
CA MET D 61 -13.27 -15.64 7.94
C MET D 61 -13.04 -15.77 9.46
N LYS D 62 -13.41 -16.92 10.00
CA LYS D 62 -13.29 -17.21 11.42
C LYS D 62 -11.86 -17.20 11.97
N HIS D 63 -10.89 -17.61 11.15
CA HIS D 63 -9.51 -17.65 11.61
C HIS D 63 -8.64 -16.45 11.24
N GLY D 64 -9.22 -15.49 10.52
CA GLY D 64 -8.44 -14.33 10.14
C GLY D 64 -7.66 -14.44 8.84
N HIS D 65 -7.93 -15.49 8.06
CA HIS D 65 -7.26 -15.67 6.78
C HIS D 65 -7.99 -14.77 5.78
N GLU D 66 -7.58 -13.51 5.72
CA GLU D 66 -8.23 -12.53 4.87
C GLU D 66 -7.72 -12.32 3.45
N THR D 67 -6.46 -12.65 3.20
CA THR D 67 -5.88 -12.46 1.88
C THR D 67 -6.67 -13.05 0.72
N PRO D 68 -7.28 -14.23 0.90
CA PRO D 68 -8.05 -14.82 -0.21
C PRO D 68 -9.18 -13.91 -0.71
N PHE D 69 -9.71 -13.08 0.18
CA PHE D 69 -10.79 -12.19 -0.17
C PHE D 69 -10.37 -10.99 -1.00
N GLU D 70 -9.06 -10.80 -1.12
CA GLU D 70 -8.53 -9.71 -1.93
C GLU D 70 -8.75 -9.94 -3.44
N HIS D 71 -9.06 -11.18 -3.81
CA HIS D 71 -9.26 -11.55 -5.21
C HIS D 71 -10.67 -11.29 -5.74
N ILE D 72 -11.48 -10.63 -4.93
CA ILE D 72 -12.84 -10.25 -5.32
C ILE D 72 -12.70 -8.73 -5.35
N VAL D 73 -13.09 -8.10 -6.46
CA VAL D 73 -12.96 -6.65 -6.56
C VAL D 73 -14.21 -5.99 -7.11
N PHE D 74 -14.52 -4.80 -6.59
CA PHE D 74 -15.67 -4.03 -7.02
C PHE D 74 -15.28 -2.63 -7.47
N THR D 75 -16.13 -2.05 -8.31
CA THR D 75 -15.93 -0.68 -8.75
C THR D 75 -17.29 -0.03 -8.53
N PHE D 76 -17.31 1.03 -7.74
CA PHE D 76 -18.56 1.73 -7.48
C PHE D 76 -18.48 3.13 -8.05
N HIS D 77 -19.65 3.68 -8.35
CA HIS D 77 -19.77 5.05 -8.84
C HIS D 77 -20.54 5.70 -7.70
N VAL D 78 -19.91 6.66 -7.03
CA VAL D 78 -20.51 7.31 -5.88
C VAL D 78 -20.72 8.82 -6.00
N LYS D 79 -21.89 9.26 -5.55
CA LYS D 79 -22.26 10.67 -5.54
C LYS D 79 -22.46 10.98 -4.06
N ALA D 80 -21.57 11.80 -3.52
CA ALA D 80 -21.60 12.12 -2.10
C ALA D 80 -21.07 13.51 -1.80
N PRO D 81 -21.43 14.06 -0.62
CA PRO D 81 -20.98 15.39 -0.21
C PRO D 81 -19.49 15.30 0.08
N ILE D 82 -18.76 16.39 -0.13
CA ILE D 82 -17.32 16.34 0.11
C ILE D 82 -16.93 15.93 1.52
N PHE D 83 -17.61 16.43 2.55
CA PHE D 83 -17.25 16.06 3.91
C PHE D 83 -17.38 14.54 4.11
N VAL D 84 -18.23 13.91 3.31
CA VAL D 84 -18.36 12.46 3.39
C VAL D 84 -17.15 11.89 2.63
N ALA D 85 -16.89 12.45 1.46
CA ALA D 85 -15.78 12.01 0.61
C ALA D 85 -14.42 12.16 1.26
N ARG D 86 -14.25 13.18 2.09
CA ARG D 86 -12.98 13.39 2.77
C ARG D 86 -12.69 12.27 3.74
N GLN D 87 -13.75 11.68 4.28
CA GLN D 87 -13.60 10.59 5.23
C GLN D 87 -13.40 9.31 4.44
N TRP D 88 -14.18 9.18 3.37
CA TRP D 88 -14.11 7.98 2.54
C TRP D 88 -12.73 7.83 1.90
N PHE D 89 -12.18 8.93 1.39
CA PHE D 89 -10.87 8.88 0.73
C PHE D 89 -9.69 8.58 1.65
N ARG D 90 -9.95 8.51 2.95
CA ARG D 90 -8.91 8.19 3.92
C ARG D 90 -8.56 6.70 3.84
N HIS D 91 -9.41 5.94 3.17
CA HIS D 91 -9.20 4.50 2.98
C HIS D 91 -8.25 4.36 1.80
N ARG D 92 -6.97 4.26 2.12
CA ARG D 92 -5.89 4.19 1.16
C ARG D 92 -5.74 2.93 0.31
N ILE D 93 -6.19 1.79 0.83
CA ILE D 93 -6.07 0.57 0.06
C ILE D 93 -7.24 0.47 -0.89
N ALA D 94 -7.19 1.26 -1.96
CA ALA D 94 -8.25 1.31 -2.97
C ALA D 94 -7.86 2.33 -4.03
N SER D 95 -8.68 2.44 -5.07
CA SER D 95 -8.41 3.38 -6.15
C SER D 95 -9.55 4.39 -6.30
N TYR D 96 -9.19 5.63 -6.59
CA TYR D 96 -10.16 6.70 -6.75
C TYR D 96 -9.91 7.60 -7.95
N ASN D 97 -11.00 8.13 -8.48
CA ASN D 97 -11.00 9.08 -9.58
C ASN D 97 -12.25 9.93 -9.35
N GLU D 98 -12.04 11.19 -9.03
CA GLU D 98 -13.10 12.12 -8.72
C GLU D 98 -13.22 13.27 -9.68
N LEU D 99 -14.40 13.87 -9.72
CA LEU D 99 -14.66 15.04 -10.57
C LEU D 99 -13.76 16.18 -10.08
N SER D 100 -13.26 16.97 -11.02
CA SER D 100 -12.38 18.08 -10.65
C SER D 100 -13.05 19.44 -10.52
N GLY D 101 -12.93 20.04 -9.34
CA GLY D 101 -13.50 21.35 -9.11
C GLY D 101 -12.73 22.46 -9.82
N ARG D 102 -11.51 22.17 -10.25
CA ARG D 102 -10.75 23.20 -10.95
C ARG D 102 -10.84 23.08 -12.47
N TYR D 103 -11.31 21.93 -12.93
CA TYR D 103 -11.45 21.68 -14.36
C TYR D 103 -12.85 22.04 -14.86
N SER D 104 -13.87 21.58 -14.16
CA SER D 104 -15.24 21.84 -14.57
C SER D 104 -16.06 22.73 -13.64
N LYS D 105 -17.11 23.33 -14.20
CA LYS D 105 -18.00 24.20 -13.42
C LYS D 105 -18.79 23.28 -12.53
N LEU D 106 -18.87 23.61 -11.25
CA LEU D 106 -19.62 22.78 -10.31
C LEU D 106 -21.12 23.07 -10.40
N SER D 107 -21.92 22.00 -10.33
CA SER D 107 -23.36 22.13 -10.41
C SER D 107 -24.00 22.47 -9.07
N TYR D 108 -25.18 23.07 -9.13
CA TYR D 108 -25.91 23.48 -7.94
C TYR D 108 -26.52 22.28 -7.21
N GLU D 109 -25.67 21.50 -6.56
CA GLU D 109 -26.14 20.33 -5.81
C GLU D 109 -25.42 20.20 -4.48
N PHE D 110 -26.18 20.36 -3.41
CA PHE D 110 -25.64 20.29 -2.07
C PHE D 110 -26.50 19.40 -1.19
N TYR D 111 -25.90 18.89 -0.13
CA TYR D 111 -26.61 18.03 0.81
C TYR D 111 -27.31 18.89 1.85
N ILE D 112 -28.64 18.88 1.82
CA ILE D 112 -29.44 19.62 2.78
C ILE D 112 -30.06 18.60 3.73
N PRO D 113 -29.55 18.53 4.98
CA PRO D 113 -30.09 17.57 5.96
C PRO D 113 -31.58 17.77 6.18
N SER D 114 -32.29 16.70 6.48
CA SER D 114 -33.72 16.81 6.74
C SER D 114 -33.88 17.11 8.23
N PRO D 115 -35.03 17.66 8.62
CA PRO D 115 -35.27 17.99 10.03
C PRO D 115 -35.05 16.80 10.96
N GLU D 116 -35.28 15.60 10.43
CA GLU D 116 -35.09 14.38 11.21
C GLU D 116 -33.62 14.10 11.55
N ARG D 117 -32.71 14.86 10.95
CA ARG D 117 -31.28 14.68 11.21
C ARG D 117 -30.90 15.18 12.60
N LEU D 118 -31.63 16.18 13.08
CA LEU D 118 -31.35 16.74 14.40
C LEU D 118 -32.14 16.01 15.48
N GLU D 119 -32.86 14.98 15.04
CA GLU D 119 -33.69 14.17 15.92
C GLU D 119 -32.89 13.66 17.11
N GLY D 120 -33.45 13.79 18.31
CA GLY D 120 -32.76 13.33 19.50
C GLY D 120 -31.95 14.44 20.14
N TYR D 121 -31.74 15.52 19.39
CA TYR D 121 -30.99 16.65 19.91
C TYR D 121 -31.91 17.78 20.33
N LYS D 122 -31.55 18.45 21.42
CA LYS D 122 -32.32 19.56 21.93
C LYS D 122 -31.62 20.82 21.45
N THR D 123 -32.23 21.51 20.49
CA THR D 123 -31.63 22.72 19.93
C THR D 123 -32.44 23.98 20.15
N THR D 124 -31.73 25.09 20.37
CA THR D 124 -32.33 26.41 20.60
C THR D 124 -33.06 26.85 19.34
N ILE D 125 -32.67 26.29 18.21
CA ILE D 125 -33.28 26.61 16.93
C ILE D 125 -34.04 25.40 16.43
N PRO D 126 -35.32 25.58 16.06
CA PRO D 126 -36.08 24.42 15.57
C PRO D 126 -35.30 23.72 14.46
N PRO D 127 -35.33 22.37 14.44
CA PRO D 127 -34.62 21.59 13.43
C PRO D 127 -34.87 22.09 12.01
N GLU D 128 -36.14 22.34 11.70
CA GLU D 128 -36.54 22.82 10.39
C GLU D 128 -35.97 24.20 10.08
N ARG D 129 -35.48 24.88 11.11
CA ARG D 129 -34.88 26.19 10.91
C ARG D 129 -33.41 26.00 10.57
N VAL D 130 -32.80 24.96 11.16
CA VAL D 130 -31.40 24.64 10.89
C VAL D 130 -31.27 24.26 9.43
N THR D 131 -32.25 23.50 8.96
CA THR D 131 -32.30 23.05 7.57
C THR D 131 -32.31 24.27 6.66
N GLU D 132 -33.01 25.31 7.10
CA GLU D 132 -33.14 26.55 6.33
C GLU D 132 -31.82 27.32 6.30
N LYS D 133 -31.20 27.50 7.45
CA LYS D 133 -29.93 28.21 7.54
C LYS D 133 -28.86 27.57 6.63
N ILE D 134 -28.83 26.25 6.59
CA ILE D 134 -27.87 25.53 5.76
C ILE D 134 -28.14 25.81 4.27
N SER D 135 -29.42 25.83 3.88
CA SER D 135 -29.81 26.10 2.50
C SER D 135 -29.42 27.53 2.10
N GLU D 136 -29.64 28.46 3.01
CA GLU D 136 -29.32 29.87 2.79
C GLU D 136 -27.83 30.06 2.47
N ILE D 137 -26.97 29.47 3.30
CA ILE D 137 -25.53 29.55 3.10
C ILE D 137 -25.19 28.96 1.72
N VAL D 138 -25.62 27.74 1.49
CA VAL D 138 -25.39 27.07 0.23
C VAL D 138 -25.73 28.00 -0.93
N ASP D 139 -26.92 28.57 -0.88
CA ASP D 139 -27.38 29.49 -1.93
C ASP D 139 -26.49 30.72 -2.12
N LYS D 140 -26.13 31.38 -1.02
CA LYS D 140 -25.29 32.57 -1.11
C LYS D 140 -23.87 32.22 -1.56
N ALA D 141 -23.35 31.11 -1.06
CA ALA D 141 -22.00 30.68 -1.42
C ALA D 141 -21.95 30.36 -2.92
N TYR D 142 -22.89 29.57 -3.40
CA TYR D 142 -22.92 29.18 -4.80
C TYR D 142 -23.05 30.39 -5.72
N ARG D 143 -23.94 31.31 -5.37
CA ARG D 143 -24.13 32.52 -6.16
C ARG D 143 -22.86 33.36 -6.20
N THR D 144 -22.19 33.47 -5.06
CA THR D 144 -20.94 34.22 -5.00
C THR D 144 -19.94 33.54 -5.92
N TYR D 145 -19.99 32.21 -5.96
CA TYR D 145 -19.11 31.39 -6.79
C TYR D 145 -19.33 31.68 -8.28
N LEU D 146 -20.59 31.67 -8.71
CA LEU D 146 -20.91 31.94 -10.11
C LEU D 146 -20.58 33.39 -10.45
N GLU D 147 -20.75 34.26 -9.46
CA GLU D 147 -20.46 35.68 -9.62
C GLU D 147 -18.98 35.87 -9.93
N LEU D 148 -18.13 35.12 -9.23
CA LEU D 148 -16.68 35.21 -9.42
C LEU D 148 -16.27 34.65 -10.78
N ILE D 149 -16.80 33.48 -11.12
CA ILE D 149 -16.48 32.85 -12.39
C ILE D 149 -16.88 33.72 -13.58
N GLU D 150 -18.08 34.26 -13.54
CA GLU D 150 -18.55 35.11 -14.62
C GLU D 150 -17.71 36.40 -14.65
N SER D 151 -17.10 36.71 -13.50
CA SER D 151 -16.27 37.90 -13.37
C SER D 151 -14.88 37.67 -13.94
N GLY D 152 -14.53 36.42 -14.21
CA GLY D 152 -13.21 36.13 -14.76
C GLY D 152 -12.24 35.46 -13.81
N VAL D 153 -12.72 35.07 -12.64
CA VAL D 153 -11.86 34.39 -11.68
C VAL D 153 -11.79 32.93 -12.05
N PRO D 154 -10.58 32.36 -12.12
CA PRO D 154 -10.43 30.94 -12.48
C PRO D 154 -11.19 30.01 -11.51
N ARG D 155 -11.78 28.96 -12.06
CA ARG D 155 -12.55 27.99 -11.28
C ARG D 155 -11.83 27.48 -10.04
N GLU D 156 -10.55 27.15 -10.17
CA GLU D 156 -9.80 26.62 -9.03
C GLU D 156 -9.77 27.59 -7.86
N VAL D 157 -10.06 28.86 -8.13
CA VAL D 157 -10.06 29.86 -7.07
C VAL D 157 -11.48 30.17 -6.59
N ALA D 158 -12.40 30.30 -7.53
CA ALA D 158 -13.78 30.63 -7.21
C ALA D 158 -14.47 29.60 -6.33
N ARG D 159 -14.14 28.32 -6.56
CA ARG D 159 -14.76 27.26 -5.80
C ARG D 159 -14.40 27.18 -4.32
N ILE D 160 -13.33 27.85 -3.89
CA ILE D 160 -12.94 27.77 -2.49
C ILE D 160 -13.99 28.38 -1.54
N VAL D 161 -15.00 29.03 -2.09
CA VAL D 161 -16.04 29.61 -1.24
C VAL D 161 -17.22 28.64 -1.09
N LEU D 162 -17.18 27.52 -1.80
CA LEU D 162 -18.27 26.55 -1.71
C LEU D 162 -18.18 25.72 -0.42
N PRO D 163 -19.33 25.42 0.19
CA PRO D 163 -19.42 24.65 1.45
C PRO D 163 -19.10 23.17 1.34
N LEU D 164 -18.79 22.57 2.49
CA LEU D 164 -18.44 21.15 2.56
C LEU D 164 -19.56 20.17 2.20
N ASN D 165 -20.79 20.66 2.09
CA ASN D 165 -21.91 19.79 1.76
C ASN D 165 -22.17 19.74 0.24
N LEU D 166 -21.22 20.26 -0.52
CA LEU D 166 -21.28 20.28 -1.98
C LEU D 166 -21.10 18.84 -2.46
N TYR D 167 -21.99 18.37 -3.33
CA TYR D 167 -21.90 17.00 -3.84
C TYR D 167 -20.80 16.80 -4.87
N THR D 168 -20.05 15.71 -4.74
CA THR D 168 -19.01 15.38 -5.69
C THR D 168 -19.29 13.95 -6.16
N ARG D 169 -18.60 13.50 -7.20
CA ARG D 169 -18.79 12.15 -7.71
C ARG D 169 -17.45 11.50 -7.96
N PHE D 170 -17.38 10.19 -7.73
CA PHE D 170 -16.12 9.50 -7.95
C PHE D 170 -16.32 8.01 -8.19
N PHE D 171 -15.31 7.39 -8.80
CA PHE D 171 -15.32 5.96 -9.04
C PHE D 171 -14.45 5.37 -7.92
N TRP D 172 -14.89 4.24 -7.36
CA TRP D 172 -14.14 3.60 -6.27
C TRP D 172 -13.95 2.11 -6.53
N THR D 173 -12.71 1.70 -6.71
CA THR D 173 -12.38 0.30 -6.95
C THR D 173 -11.63 -0.21 -5.71
N VAL D 174 -12.19 -1.25 -5.11
CA VAL D 174 -11.64 -1.80 -3.88
C VAL D 174 -11.87 -3.30 -3.83
N ASN D 175 -11.01 -4.03 -3.12
CA ASN D 175 -11.22 -5.47 -3.04
C ASN D 175 -12.06 -5.79 -1.79
N ALA D 176 -12.56 -7.02 -1.72
CA ALA D 176 -13.41 -7.45 -0.61
C ALA D 176 -12.79 -7.24 0.77
N ARG D 177 -11.48 -7.46 0.89
CA ARG D 177 -10.82 -7.30 2.20
C ARG D 177 -10.88 -5.85 2.65
N SER D 178 -10.40 -4.94 1.82
CA SER D 178 -10.42 -3.52 2.17
C SER D 178 -11.86 -3.06 2.34
N LEU D 179 -12.77 -3.64 1.56
CA LEU D 179 -14.18 -3.28 1.65
C LEU D 179 -14.71 -3.66 3.04
N MET D 180 -14.24 -4.79 3.56
CA MET D 180 -14.66 -5.24 4.89
C MET D 180 -14.07 -4.34 5.96
N ASN D 181 -12.86 -3.84 5.75
CA ASN D 181 -12.28 -2.94 6.73
C ASN D 181 -13.14 -1.67 6.71
N PHE D 182 -13.56 -1.27 5.51
CA PHE D 182 -14.41 -0.10 5.35
C PHE D 182 -15.73 -0.28 6.09
N LEU D 183 -16.36 -1.44 5.96
CA LEU D 183 -17.63 -1.68 6.65
C LEU D 183 -17.46 -1.75 8.17
N ASN D 184 -16.28 -2.19 8.62
CA ASN D 184 -15.99 -2.30 10.05
C ASN D 184 -15.97 -0.90 10.67
N LEU D 185 -15.35 0.03 9.95
CA LEU D 185 -15.20 1.41 10.39
C LEU D 185 -16.32 2.37 10.02
N ARG D 186 -16.95 2.17 8.87
CA ARG D 186 -18.01 3.09 8.44
C ARG D 186 -19.42 2.62 8.75
N ALA D 187 -19.67 1.32 8.66
CA ALA D 187 -21.00 0.80 8.98
C ALA D 187 -20.99 0.62 10.49
N ASP D 188 -20.78 1.72 11.20
CA ASP D 188 -20.71 1.71 12.65
C ASP D 188 -21.20 3.05 13.22
N SER D 189 -21.89 2.99 14.36
CA SER D 189 -22.44 4.20 14.97
C SER D 189 -21.41 5.24 15.40
N HIS D 190 -20.14 4.88 15.45
CA HIS D 190 -19.10 5.84 15.82
C HIS D 190 -18.78 6.71 14.60
N ALA D 191 -19.10 6.20 13.41
CA ALA D 191 -18.86 6.94 12.18
C ALA D 191 -19.99 7.95 12.03
N GLN D 192 -19.76 9.01 11.27
CA GLN D 192 -20.81 9.99 11.08
C GLN D 192 -21.97 9.34 10.33
N TRP D 193 -23.19 9.58 10.82
CA TRP D 193 -24.40 9.03 10.22
C TRP D 193 -24.42 9.07 8.69
N GLU D 194 -24.12 10.23 8.11
CA GLU D 194 -24.12 10.36 6.64
C GLU D 194 -23.30 9.29 5.93
N ILE D 195 -22.11 8.97 6.44
CA ILE D 195 -21.31 7.95 5.77
C ILE D 195 -21.83 6.56 6.11
N GLN D 196 -22.42 6.40 7.30
CA GLN D 196 -22.99 5.12 7.71
C GLN D 196 -24.02 4.71 6.64
N GLN D 197 -24.81 5.68 6.17
CA GLN D 197 -25.82 5.40 5.16
C GLN D 197 -25.20 4.86 3.88
N TYR D 198 -24.06 5.42 3.49
CA TYR D 198 -23.38 4.96 2.28
C TYR D 198 -22.83 3.56 2.51
N ALA D 199 -22.27 3.33 3.70
CA ALA D 199 -21.71 2.03 4.03
C ALA D 199 -22.80 0.97 3.99
N LEU D 200 -24.00 1.32 4.45
CA LEU D 200 -25.12 0.37 4.42
C LEU D 200 -25.38 -0.02 2.97
N ALA D 201 -25.32 0.95 2.06
CA ALA D 201 -25.55 0.69 0.65
C ALA D 201 -24.42 -0.17 0.07
N ILE D 202 -23.20 0.10 0.53
CA ILE D 202 -22.05 -0.68 0.07
C ILE D 202 -22.22 -2.12 0.55
N ALA D 203 -22.64 -2.28 1.80
CA ALA D 203 -22.83 -3.60 2.38
C ALA D 203 -23.90 -4.38 1.60
N ARG D 204 -24.97 -3.70 1.22
CA ARG D 204 -26.07 -4.32 0.49
C ARG D 204 -25.61 -4.88 -0.84
N ILE D 205 -24.87 -4.07 -1.60
CA ILE D 205 -24.36 -4.52 -2.89
C ILE D 205 -23.40 -5.69 -2.67
N PHE D 206 -22.52 -5.56 -1.69
CA PHE D 206 -21.55 -6.60 -1.36
C PHE D 206 -22.25 -7.91 -1.02
N LYS D 207 -23.37 -7.82 -0.30
CA LYS D 207 -24.14 -8.99 0.09
C LYS D 207 -24.71 -9.71 -1.12
N GLU D 208 -25.23 -8.94 -2.07
CA GLU D 208 -25.80 -9.50 -3.29
C GLU D 208 -24.78 -10.25 -4.15
N LYS D 209 -23.58 -9.71 -4.26
CA LYS D 209 -22.53 -10.32 -5.06
C LYS D 209 -21.75 -11.43 -4.37
N CYS D 210 -21.61 -11.34 -3.06
CA CYS D 210 -20.87 -12.34 -2.30
C CYS D 210 -21.63 -12.72 -1.01
N PRO D 211 -22.80 -13.35 -1.14
CA PRO D 211 -23.61 -13.76 0.01
C PRO D 211 -22.85 -14.57 1.05
N TRP D 212 -22.09 -15.55 0.60
CA TRP D 212 -21.33 -16.39 1.52
C TRP D 212 -20.29 -15.57 2.26
N THR D 213 -19.49 -14.83 1.50
CA THR D 213 -18.47 -14.01 2.13
C THR D 213 -19.12 -13.04 3.09
N PHE D 214 -20.23 -12.42 2.67
CA PHE D 214 -20.94 -11.47 3.50
C PHE D 214 -21.46 -12.09 4.79
N GLU D 215 -22.22 -13.18 4.65
CA GLU D 215 -22.78 -13.90 5.79
C GLU D 215 -21.69 -14.19 6.78
N ALA D 216 -20.63 -14.83 6.29
CA ALA D 216 -19.51 -15.19 7.14
C ALA D 216 -18.90 -13.96 7.82
N PHE D 217 -18.80 -12.85 7.08
CA PHE D 217 -18.25 -11.63 7.64
C PHE D 217 -19.03 -11.16 8.88
N LEU D 218 -20.35 -11.03 8.74
CA LEU D 218 -21.18 -10.61 9.86
C LEU D 218 -20.99 -11.48 11.09
N LYS D 219 -21.00 -12.79 10.87
CA LYS D 219 -20.87 -13.75 11.94
C LYS D 219 -19.53 -13.85 12.67
N TYR D 220 -18.42 -13.78 11.93
CA TYR D 220 -17.12 -13.95 12.58
C TYR D 220 -16.14 -12.80 12.62
N ALA D 221 -16.22 -11.87 11.69
CA ALA D 221 -15.25 -10.78 11.68
C ALA D 221 -15.80 -9.38 11.83
N TYR D 222 -17.01 -9.14 11.35
CA TYR D 222 -17.61 -7.81 11.45
C TYR D 222 -17.48 -7.22 12.85
N LYS D 223 -16.81 -6.07 12.94
CA LYS D 223 -16.62 -5.41 14.22
C LYS D 223 -17.60 -4.27 14.47
N GLY D 224 -18.26 -3.81 13.42
CA GLY D 224 -19.22 -2.72 13.58
C GLY D 224 -20.47 -3.15 14.31
N ASP D 225 -21.46 -2.27 14.42
CA ASP D 225 -22.68 -2.59 15.12
C ASP D 225 -23.98 -2.46 14.35
N ILE D 226 -24.10 -1.46 13.48
CA ILE D 226 -25.35 -1.25 12.76
C ILE D 226 -25.75 -2.31 11.73
N LEU D 227 -24.80 -3.01 11.15
CA LEU D 227 -25.16 -4.04 10.17
C LEU D 227 -25.75 -5.24 10.89
N LYS D 228 -25.52 -5.27 12.21
CA LYS D 228 -26.00 -6.34 13.06
C LYS D 228 -27.44 -6.03 13.50
N GLU D 229 -27.96 -4.88 13.07
CA GLU D 229 -29.31 -4.48 13.44
C GLU D 229 -30.17 -3.95 12.30
N VAL D 230 -29.57 -3.74 11.13
CA VAL D 230 -30.31 -3.25 9.97
C VAL D 230 -30.39 -4.34 8.90
#